data_8ID0
#
_entry.id   8ID0
#
_cell.length_a   183.912
_cell.length_b   183.912
_cell.length_c   60.025
_cell.angle_alpha   90.00
_cell.angle_beta   90.00
_cell.angle_gamma   120.00
#
_symmetry.space_group_name_H-M   'P 62'
#
loop_
_entity.id
_entity.type
_entity.pdbx_description
1 polymer 'formate C-acetyltransferase'
2 non-polymer '[(2R,3S,4R,5R)-3,4,5-tris(oxidanyl)oxan-2-yl]methyl dihydrogen phosphate'
3 water water
#
_entity_poly.entity_id   1
_entity_poly.type   'polypeptide(L)'
_entity_poly.pdbx_seq_one_letter_code
;MDKSKNIANLVFNGNPRIQLMKDNLFKEERQISLERALLYTESYQQTEGEPVIIRRAKAIQHILENVQISIREGELLAGN
RTVRPRSGILSPEMDPYWIVKEIDTIATRPQDQFVFTEADKKIYMEKLYPYWEGRSMKDFINAQLTDDVQQAMTDEVFKL
NQTDKGQGHIIMDFPAILEHGVQYYIDILSDKITEQPDNHFFKAGYLICQAMKDHFIRYADLAQEMSLTADACRRQELER
IAQMCYKLSQEKPDSFYEALQLLWMTSIVAQYESNASSLSLGRTDQYLYPFYKASLEAGESEAFMYEALGDFYIKTNDVV
LLRSQSSAKCFAGFPTGYTIALGGLDEYGHTAVNPLSYIMLDIYHEILLPQPNLSVRMNELIPRRFLLKTCETIRLGTGI
PQLFNDEVCVPAFLSKGVSLDDARDYATVGCVETSIPGRTYGLHDIALFNLLRIMELSLYDLRYQTQVTYQDIWKDIEAK
IDYYVNLVVKGSNIVDLGHRHYAPTPFLSLLIADCLKNGKDVTEGGARYNFSGVQGIGQANLSDSMYVVQKLVFEQHEMT
LAELVDALEANYEGKYVNLQKHVIQDFDKYGNDNDDVDDIAVKLFRHYAKELEKYENVRGGRFIPGAYTVSAHIPLGEAV
GATPDGRKAKEQLADGGLSPMVGRDHLGPTAVLKSVSKLDNYLTVNGSLLNVKFQPNTLKGIEGLTKFADFLMAYTKLKI
QHIQFNVQSKATLLDAQKHPEKYTGLLVRVAGYSAFFVDLNKQIQDDIIARVEHQL
;
_entity_poly.pdbx_strand_id   A
#
# COMPACT_ATOMS: atom_id res chain seq x y z
N LYS A 5 26.43 8.42 14.79
CA LYS A 5 26.28 8.14 13.36
C LYS A 5 25.81 6.71 13.07
N ASN A 6 25.32 6.52 11.84
CA ASN A 6 24.46 5.39 11.52
C ASN A 6 25.26 4.11 11.28
N ILE A 7 24.82 3.00 11.90
CA ILE A 7 25.40 1.69 11.66
C ILE A 7 24.43 0.72 11.00
N ALA A 8 23.21 1.16 10.66
CA ALA A 8 22.21 0.28 10.06
C ALA A 8 22.29 0.30 8.55
N ASN A 9 22.24 -0.88 7.94
CA ASN A 9 22.16 -1.03 6.49
C ASN A 9 23.33 -0.32 5.79
N LEU A 10 24.51 -0.39 6.39
N LEU A 10 24.51 -0.39 6.39
CA LEU A 10 25.70 0.12 5.73
CA LEU A 10 25.70 0.10 5.73
C LEU A 10 26.00 -0.76 4.52
C LEU A 10 26.00 -0.76 4.52
N VAL A 11 26.19 -0.14 3.37
CA VAL A 11 26.44 -0.85 2.12
C VAL A 11 27.95 -0.93 1.88
N PHE A 12 28.43 -2.11 1.54
CA PHE A 12 29.84 -2.28 1.21
C PHE A 12 30.03 -2.34 -0.29
N ASN A 13 30.93 -1.50 -0.81
CA ASN A 13 31.29 -1.52 -2.23
C ASN A 13 30.07 -1.33 -3.12
N GLY A 14 29.18 -0.43 -2.72
CA GLY A 14 28.05 -0.12 -3.55
C GLY A 14 28.46 0.60 -4.82
N ASN A 15 27.60 0.55 -5.81
CA ASN A 15 27.81 1.39 -6.99
C ASN A 15 27.86 2.85 -6.56
N PRO A 16 28.87 3.62 -6.99
CA PRO A 16 29.01 4.99 -6.49
C PRO A 16 27.87 5.90 -6.93
N ARG A 17 27.42 5.74 -8.17
CA ARG A 17 26.29 6.54 -8.66
C ARG A 17 25.00 6.21 -7.92
N ILE A 18 24.72 4.92 -7.72
CA ILE A 18 23.52 4.53 -6.98
C ILE A 18 23.56 5.13 -5.57
N GLN A 19 24.72 5.00 -4.89
CA GLN A 19 24.81 5.48 -3.50
C GLN A 19 24.72 7.00 -3.42
N LEU A 20 25.25 7.70 -4.41
CA LEU A 20 25.12 9.16 -4.42
C LEU A 20 23.67 9.59 -4.57
N MET A 21 22.95 9.00 -5.55
CA MET A 21 21.53 9.34 -5.73
C MET A 21 20.72 8.97 -4.50
N LYS A 22 21.02 7.82 -3.89
CA LYS A 22 20.34 7.47 -2.65
C LYS A 22 20.57 8.54 -1.59
N ASP A 23 21.84 8.91 -1.37
CA ASP A 23 22.16 9.91 -0.36
C ASP A 23 21.47 11.23 -0.64
N ASN A 24 21.44 11.67 -1.90
CA ASN A 24 20.83 12.96 -2.20
C ASN A 24 19.37 13.05 -1.78
N LEU A 25 18.63 11.92 -1.79
CA LEU A 25 17.23 11.96 -1.37
C LEU A 25 17.10 12.45 0.06
N PHE A 26 18.10 12.21 0.89
CA PHE A 26 17.95 12.45 2.33
C PHE A 26 18.79 13.62 2.85
N LYS A 27 19.46 14.38 1.97
CA LYS A 27 20.34 15.47 2.43
C LYS A 27 19.55 16.55 3.18
N GLU A 28 18.37 16.91 2.71
CA GLU A 28 17.60 17.99 3.31
C GLU A 28 16.24 17.51 3.80
N GLU A 29 15.69 18.26 4.74
CA GLU A 29 14.44 17.84 5.35
C GLU A 29 13.28 17.96 4.35
N ARG A 30 12.18 17.31 4.71
CA ARG A 30 11.00 17.28 3.85
C ARG A 30 10.22 18.57 4.01
N GLN A 31 9.77 19.13 2.90
CA GLN A 31 8.92 20.31 2.90
C GLN A 31 7.60 20.00 2.22
N ILE A 32 6.55 20.64 2.71
CA ILE A 32 5.32 20.69 1.95
C ILE A 32 5.60 21.43 0.64
N SER A 33 4.95 20.99 -0.43
CA SER A 33 5.05 21.65 -1.73
C SER A 33 3.66 22.01 -2.23
N LEU A 34 3.44 23.29 -2.47
CA LEU A 34 2.19 23.77 -3.04
C LEU A 34 2.23 23.88 -4.55
N GLU A 35 3.37 23.56 -5.17
CA GLU A 35 3.53 23.84 -6.60
C GLU A 35 2.40 23.19 -7.42
N ARG A 36 2.11 21.91 -7.16
CA ARG A 36 1.03 21.25 -7.89
C ARG A 36 -0.31 21.94 -7.62
N ALA A 37 -0.60 22.23 -6.35
CA ALA A 37 -1.87 22.85 -6.02
C ALA A 37 -2.01 24.19 -6.72
N LEU A 38 -0.95 25.00 -6.68
CA LEU A 38 -0.99 26.31 -7.34
C LEU A 38 -1.31 26.15 -8.82
N LEU A 39 -0.59 25.28 -9.51
CA LEU A 39 -0.85 25.14 -10.94
C LEU A 39 -2.25 24.58 -11.15
N TYR A 40 -2.59 23.50 -10.45
CA TYR A 40 -3.92 22.93 -10.51
C TYR A 40 -4.99 24.01 -10.36
N THR A 41 -4.85 24.88 -9.35
CA THR A 41 -5.85 25.90 -9.10
C THR A 41 -5.88 26.95 -10.20
N GLU A 42 -4.71 27.34 -10.72
CA GLU A 42 -4.68 28.27 -11.86
C GLU A 42 -5.52 27.73 -13.00
N SER A 43 -5.30 26.46 -13.36
CA SER A 43 -6.05 25.86 -14.46
C SER A 43 -7.54 25.83 -14.13
N TYR A 44 -7.89 25.39 -12.92
CA TYR A 44 -9.30 25.22 -12.60
C TYR A 44 -10.02 26.55 -12.65
N GLN A 45 -9.32 27.64 -12.35
CA GLN A 45 -9.95 28.96 -12.39
C GLN A 45 -10.29 29.42 -13.81
N GLN A 46 -9.84 28.71 -14.84
CA GLN A 46 -10.17 29.04 -16.23
C GLN A 46 -11.15 28.06 -16.85
N THR A 47 -11.53 27.00 -16.16
CA THR A 47 -12.32 25.95 -16.80
C THR A 47 -13.69 25.74 -16.16
N GLU A 48 -14.13 26.66 -15.30
CA GLU A 48 -15.51 26.64 -14.80
C GLU A 48 -16.50 26.31 -15.91
N GLY A 49 -17.34 25.30 -15.67
CA GLY A 49 -18.41 24.95 -16.59
C GLY A 49 -18.05 23.88 -17.60
N GLU A 50 -16.78 23.52 -17.71
CA GLU A 50 -16.43 22.43 -18.59
C GLU A 50 -16.60 21.10 -17.86
N PRO A 51 -16.75 20.00 -18.60
CA PRO A 51 -16.87 18.69 -17.97
C PRO A 51 -15.70 18.46 -17.02
N VAL A 52 -16.00 17.84 -15.86
CA VAL A 52 -14.97 17.64 -14.85
C VAL A 52 -13.76 16.96 -15.45
N ILE A 53 -13.96 15.95 -16.30
CA ILE A 53 -12.82 15.17 -16.78
C ILE A 53 -11.95 16.02 -17.71
N ILE A 54 -12.55 16.99 -18.39
CA ILE A 54 -11.77 17.95 -19.18
C ILE A 54 -11.05 18.91 -18.26
N ARG A 55 -11.72 19.41 -17.22
CA ARG A 55 -11.05 20.27 -16.26
C ARG A 55 -9.85 19.55 -15.66
N ARG A 56 -10.02 18.26 -15.34
CA ARG A 56 -8.92 17.49 -14.78
C ARG A 56 -7.77 17.44 -15.76
N ALA A 57 -8.06 17.02 -17.00
CA ALA A 57 -7.01 16.91 -18.00
C ALA A 57 -6.28 18.23 -18.20
N LYS A 58 -7.03 19.33 -18.31
CA LYS A 58 -6.38 20.61 -18.56
C LYS A 58 -5.55 21.05 -17.38
N ALA A 59 -6.01 20.75 -16.14
CA ALA A 59 -5.17 21.06 -14.99
C ALA A 59 -3.88 20.23 -15.02
N ILE A 60 -3.98 18.95 -15.40
CA ILE A 60 -2.80 18.11 -15.45
C ILE A 60 -1.86 18.59 -16.54
N GLN A 61 -2.40 18.97 -17.70
CA GLN A 61 -1.58 19.57 -18.74
C GLN A 61 -0.87 20.81 -18.22
N HIS A 62 -1.60 21.68 -17.54
CA HIS A 62 -1.01 22.87 -16.96
C HIS A 62 0.11 22.52 -15.99
N ILE A 63 -0.07 21.47 -15.19
CA ILE A 63 0.99 21.05 -14.27
C ILE A 63 2.21 20.59 -15.07
N LEU A 64 1.99 19.72 -16.06
CA LEU A 64 3.10 19.16 -16.83
C LEU A 64 3.87 20.26 -17.55
N GLU A 65 3.18 21.28 -18.04
CA GLU A 65 3.82 22.34 -18.82
C GLU A 65 4.61 23.31 -17.95
N ASN A 66 4.23 23.51 -16.70
CA ASN A 66 4.83 24.57 -15.90
C ASN A 66 5.55 24.13 -14.63
N VAL A 67 5.48 22.85 -14.24
CA VAL A 67 6.18 22.43 -13.03
C VAL A 67 7.69 22.61 -13.22
N GLN A 68 8.35 23.09 -12.18
CA GLN A 68 9.82 23.17 -12.18
C GLN A 68 10.40 21.76 -12.18
N ILE A 69 11.34 21.51 -13.10
CA ILE A 69 11.96 20.20 -13.23
C ILE A 69 13.47 20.35 -13.18
N SER A 70 14.15 19.29 -12.74
CA SER A 70 15.59 19.23 -12.86
C SER A 70 16.00 17.80 -13.18
N ILE A 71 17.23 17.66 -13.63
CA ILE A 71 17.88 16.35 -13.72
C ILE A 71 18.88 16.32 -12.57
N ARG A 72 18.61 15.50 -11.56
CA ARG A 72 19.40 15.53 -10.33
C ARG A 72 20.76 14.88 -10.55
N GLU A 73 21.68 15.14 -9.63
CA GLU A 73 23.07 14.72 -9.75
C GLU A 73 23.18 13.22 -10.03
N GLY A 74 23.86 12.86 -11.12
CA GLY A 74 24.13 11.48 -11.47
C GLY A 74 23.00 10.73 -12.14
N GLU A 75 21.83 11.34 -12.33
CA GLU A 75 20.68 10.60 -12.79
C GLU A 75 20.85 10.13 -14.23
N LEU A 76 20.49 8.89 -14.48
CA LEU A 76 20.44 8.36 -15.83
C LEU A 76 19.03 8.42 -16.42
N LEU A 77 18.02 8.62 -15.59
CA LEU A 77 16.63 8.68 -16.02
C LEU A 77 16.05 10.01 -15.59
N ALA A 78 15.33 10.65 -16.52
CA ALA A 78 14.65 11.89 -16.21
C ALA A 78 13.34 11.60 -15.49
N GLY A 79 12.99 12.46 -14.54
CA GLY A 79 11.64 12.40 -13.96
C GLY A 79 11.56 12.41 -12.46
N ASN A 80 11.00 13.49 -11.91
CA ASN A 80 10.68 13.57 -10.50
C ASN A 80 9.50 14.52 -10.35
N ARG A 81 8.65 14.25 -9.36
CA ARG A 81 7.45 15.06 -9.20
C ARG A 81 7.80 16.49 -8.84
N THR A 82 9.00 16.68 -8.32
CA THR A 82 9.32 17.83 -7.51
C THR A 82 10.84 17.94 -7.54
N VAL A 83 11.36 19.16 -7.52
CA VAL A 83 12.81 19.31 -7.49
C VAL A 83 13.37 18.99 -6.12
N ARG A 84 12.69 19.45 -5.07
CA ARG A 84 13.15 19.17 -3.72
C ARG A 84 12.75 17.75 -3.32
N PRO A 85 13.69 16.89 -2.93
CA PRO A 85 13.35 15.47 -2.72
C PRO A 85 12.32 15.26 -1.61
N ARG A 86 11.50 14.23 -1.81
CA ARG A 86 10.56 13.74 -0.80
C ARG A 86 9.68 14.87 -0.26
N SER A 87 9.09 15.62 -1.17
CA SER A 87 8.16 16.66 -0.81
C SER A 87 6.76 16.09 -0.60
N GLY A 88 6.04 16.66 0.36
CA GLY A 88 4.64 16.36 0.58
C GLY A 88 3.81 17.29 -0.28
N ILE A 89 3.31 16.76 -1.41
CA ILE A 89 2.46 17.52 -2.31
C ILE A 89 1.04 17.59 -1.73
N LEU A 90 0.63 18.80 -1.36
CA LEU A 90 -0.70 19.04 -0.82
C LEU A 90 -1.76 18.99 -1.92
N SER A 91 -2.94 18.46 -1.58
CA SER A 91 -4.09 18.42 -2.50
C SER A 91 -5.28 19.11 -1.85
N PRO A 92 -5.34 20.45 -1.92
CA PRO A 92 -6.52 21.15 -1.38
C PRO A 92 -7.79 20.87 -2.18
N GLU A 93 -7.67 20.47 -3.44
CA GLU A 93 -8.83 20.06 -4.22
C GLU A 93 -9.50 18.81 -3.64
N MET A 94 -8.76 18.00 -2.88
CA MET A 94 -9.39 16.88 -2.19
C MET A 94 -9.83 17.25 -0.77
N ASP A 95 -8.98 17.96 -0.01
CA ASP A 95 -9.31 18.42 1.34
C ASP A 95 -8.44 19.61 1.70
N PRO A 96 -9.02 20.81 1.81
CA PRO A 96 -8.22 22.00 2.16
C PRO A 96 -8.22 22.30 3.66
N TYR A 97 -8.99 21.54 4.45
CA TYR A 97 -9.19 21.87 5.86
C TYR A 97 -8.09 21.33 6.76
N TRP A 98 -7.68 20.08 6.60
CA TRP A 98 -6.86 19.47 7.63
C TRP A 98 -5.51 20.19 7.76
N ILE A 99 -4.94 20.64 6.65
CA ILE A 99 -3.66 21.34 6.73
C ILE A 99 -3.81 22.63 7.52
N VAL A 100 -4.95 23.31 7.40
CA VAL A 100 -5.19 24.52 8.19
C VAL A 100 -5.12 24.20 9.68
N LYS A 101 -5.79 23.13 10.11
CA LYS A 101 -5.72 22.75 11.53
C LYS A 101 -4.30 22.47 11.99
N GLU A 102 -3.41 22.07 11.07
CA GLU A 102 -2.07 21.63 11.43
C GLU A 102 -0.99 22.55 10.87
N ILE A 103 -1.36 23.77 10.49
CA ILE A 103 -0.42 24.62 9.78
C ILE A 103 0.81 24.90 10.63
N ASP A 104 0.64 25.06 11.94
CA ASP A 104 1.78 25.34 12.81
C ASP A 104 2.34 24.10 13.50
N THR A 105 1.78 22.92 13.23
CA THR A 105 2.19 21.70 13.92
C THR A 105 2.77 20.63 13.02
N ILE A 106 2.50 20.67 11.71
CA ILE A 106 2.95 19.58 10.84
C ILE A 106 4.47 19.41 10.90
N ALA A 107 5.20 20.48 11.17
CA ALA A 107 6.65 20.38 11.22
C ALA A 107 7.14 19.59 12.43
N THR A 108 6.30 19.43 13.46
CA THR A 108 6.71 18.79 14.71
C THR A 108 5.70 17.76 15.21
N ARG A 109 4.77 17.31 14.36
CA ARG A 109 3.76 16.35 14.81
C ARG A 109 4.40 14.99 15.08
N PRO A 110 3.65 14.07 15.70
CA PRO A 110 4.24 12.80 16.13
C PRO A 110 4.60 11.86 14.97
N GLN A 111 3.97 11.98 13.81
CA GLN A 111 4.22 11.08 12.70
C GLN A 111 4.25 11.86 11.40
N ASP A 112 5.26 11.58 10.56
CA ASP A 112 5.29 12.12 9.21
C ASP A 112 5.44 13.64 9.20
N GLN A 113 6.53 14.13 9.78
CA GLN A 113 6.74 15.57 9.85
C GLN A 113 7.14 16.14 8.49
N PHE A 114 6.64 17.33 8.20
CA PHE A 114 7.00 18.09 7.01
C PHE A 114 7.18 19.55 7.42
N VAL A 115 8.09 20.24 6.76
CA VAL A 115 8.24 21.67 6.97
C VAL A 115 7.28 22.41 6.05
N PHE A 116 6.42 23.22 6.64
CA PHE A 116 5.55 24.17 5.95
C PHE A 116 6.19 25.55 6.07
N THR A 117 6.94 25.96 5.06
CA THR A 117 7.68 27.22 5.16
C THR A 117 6.74 28.39 5.41
N GLU A 118 7.32 29.49 5.91
CA GLU A 118 6.51 30.65 6.26
C GLU A 118 5.93 31.31 5.02
N ALA A 119 6.72 31.41 3.96
CA ALA A 119 6.17 31.92 2.70
C ALA A 119 4.98 31.08 2.25
N ASP A 120 5.12 29.74 2.31
CA ASP A 120 4.07 28.87 1.80
C ASP A 120 2.83 28.87 2.69
N LYS A 121 3.01 29.01 4.01
CA LYS A 121 1.85 29.13 4.89
C LYS A 121 0.95 30.28 4.44
N LYS A 122 1.56 31.44 4.15
CA LYS A 122 0.77 32.60 3.75
C LYS A 122 0.19 32.41 2.35
N ILE A 123 0.98 31.85 1.43
CA ILE A 123 0.47 31.58 0.08
C ILE A 123 -0.75 30.67 0.16
N TYR A 124 -0.66 29.60 0.96
CA TYR A 124 -1.77 28.65 1.02
C TYR A 124 -3.04 29.33 1.50
N MET A 125 -2.94 30.09 2.60
CA MET A 125 -4.13 30.71 3.18
C MET A 125 -4.65 31.85 2.33
N GLU A 126 -3.79 32.53 1.57
CA GLU A 126 -4.25 33.62 0.73
C GLU A 126 -4.77 33.11 -0.61
N LYS A 127 -4.00 32.27 -1.29
CA LYS A 127 -4.28 31.97 -2.69
C LYS A 127 -5.02 30.66 -2.93
N LEU A 128 -4.95 29.70 -1.99
CA LEU A 128 -5.47 28.36 -2.23
C LEU A 128 -6.66 28.04 -1.34
N TYR A 129 -6.54 28.26 -0.03
CA TYR A 129 -7.62 27.85 0.85
C TYR A 129 -8.94 28.52 0.52
N PRO A 130 -9.00 29.82 0.20
CA PRO A 130 -10.30 30.43 -0.06
C PRO A 130 -10.95 29.89 -1.32
N TYR A 131 -10.15 29.53 -2.34
CA TYR A 131 -10.75 28.96 -3.53
C TYR A 131 -11.33 27.56 -3.27
N TRP A 132 -10.58 26.71 -2.53
CA TRP A 132 -11.00 25.32 -2.38
C TRP A 132 -11.98 25.10 -1.23
N GLU A 133 -11.99 25.98 -0.23
CA GLU A 133 -13.03 25.91 0.79
C GLU A 133 -14.40 25.81 0.14
N GLY A 134 -15.16 24.78 0.51
CA GLY A 134 -16.48 24.55 -0.02
C GLY A 134 -16.53 24.05 -1.44
N ARG A 135 -15.38 23.78 -2.05
CA ARG A 135 -15.31 23.40 -3.46
C ARG A 135 -14.64 22.04 -3.68
N SER A 136 -14.34 21.31 -2.59
CA SER A 136 -13.46 20.15 -2.58
C SER A 136 -14.23 18.85 -2.45
N MET A 137 -13.58 17.75 -2.86
CA MET A 137 -14.20 16.45 -2.76
C MET A 137 -14.62 16.15 -1.32
N LYS A 138 -13.80 16.57 -0.36
CA LYS A 138 -14.16 16.38 1.05
C LYS A 138 -15.52 17.03 1.37
N ASP A 139 -15.77 18.24 0.85
CA ASP A 139 -17.05 18.89 1.09
C ASP A 139 -18.20 18.02 0.61
N PHE A 140 -18.06 17.42 -0.57
CA PHE A 140 -19.09 16.53 -1.10
C PHE A 140 -19.30 15.34 -0.16
N ILE A 141 -18.21 14.73 0.30
CA ILE A 141 -18.36 13.53 1.13
C ILE A 141 -18.97 13.89 2.49
N ASN A 142 -18.54 15.00 3.08
CA ASN A 142 -19.19 15.44 4.31
C ASN A 142 -20.69 15.57 4.12
N ALA A 143 -21.11 16.11 2.97
CA ALA A 143 -22.54 16.36 2.74
C ALA A 143 -23.32 15.10 2.45
N GLN A 144 -22.66 14.05 1.95
CA GLN A 144 -23.39 12.90 1.43
C GLN A 144 -23.49 11.74 2.41
N LEU A 145 -22.56 11.60 3.34
CA LEU A 145 -22.64 10.52 4.30
C LEU A 145 -23.91 10.66 5.14
N THR A 146 -24.69 9.59 5.21
CA THR A 146 -25.91 9.60 5.98
C THR A 146 -25.59 9.54 7.47
N ASP A 147 -26.66 9.58 8.29
CA ASP A 147 -26.49 9.75 9.73
C ASP A 147 -25.99 8.48 10.39
N ASP A 148 -26.52 7.31 10.00
CA ASP A 148 -26.07 6.10 10.67
C ASP A 148 -24.63 5.76 10.27
N VAL A 149 -24.23 6.08 9.04
CA VAL A 149 -22.83 5.93 8.65
C VAL A 149 -21.96 6.80 9.55
N GLN A 150 -22.32 8.08 9.70
CA GLN A 150 -21.55 9.00 10.53
C GLN A 150 -21.48 8.51 11.97
N GLN A 151 -22.58 7.95 12.48
CA GLN A 151 -22.61 7.47 13.84
C GLN A 151 -21.71 6.25 14.02
N ALA A 152 -21.71 5.35 13.04
CA ALA A 152 -20.77 4.23 13.08
C ALA A 152 -19.34 4.73 13.14
N MET A 153 -19.04 5.80 12.40
CA MET A 153 -17.68 6.32 12.41
C MET A 153 -17.36 7.02 13.74
N THR A 154 -18.35 7.67 14.36
CA THR A 154 -18.06 8.27 15.67
C THR A 154 -17.99 7.19 16.74
N ASP A 155 -18.74 6.10 16.60
CA ASP A 155 -18.55 4.95 17.47
C ASP A 155 -17.28 4.17 17.14
N GLU A 156 -16.54 4.61 16.11
CA GLU A 156 -15.24 4.05 15.76
C GLU A 156 -15.31 2.58 15.39
N VAL A 157 -16.38 2.21 14.67
CA VAL A 157 -16.51 0.86 14.15
C VAL A 157 -15.77 0.71 12.82
N PHE A 158 -15.71 1.76 12.01
CA PHE A 158 -14.94 1.66 10.77
C PHE A 158 -14.49 3.04 10.35
N LYS A 159 -13.43 3.08 9.56
CA LYS A 159 -12.94 4.31 8.95
C LYS A 159 -13.11 4.21 7.45
N LEU A 160 -13.35 5.36 6.83
CA LEU A 160 -13.38 5.49 5.38
C LEU A 160 -12.12 6.21 4.96
N ASN A 161 -11.45 5.70 3.92
CA ASN A 161 -10.16 6.20 3.46
C ASN A 161 -10.34 6.98 2.16
N GLN A 162 -9.26 7.66 1.76
CA GLN A 162 -9.23 8.52 0.56
C GLN A 162 -10.45 9.46 0.49
N THR A 163 -10.86 9.98 1.65
CA THR A 163 -11.85 11.06 1.60
C THR A 163 -11.20 12.42 1.40
N ASP A 164 -9.87 12.47 1.40
CA ASP A 164 -9.14 13.72 1.46
C ASP A 164 -7.87 13.68 0.61
N LYS A 165 -7.86 12.87 -0.43
CA LYS A 165 -6.67 12.65 -1.23
C LYS A 165 -7.07 11.79 -2.42
N GLY A 166 -6.16 11.71 -3.39
CA GLY A 166 -6.40 10.88 -4.55
C GLY A 166 -6.59 9.42 -4.18
N GLN A 167 -7.18 8.68 -5.11
CA GLN A 167 -7.56 7.30 -4.85
C GLN A 167 -6.34 6.37 -4.99
N GLY A 168 -5.67 6.40 -6.13
CA GLY A 168 -4.51 5.55 -6.32
C GLY A 168 -4.91 4.08 -6.24
N HIS A 169 -4.03 3.26 -5.66
CA HIS A 169 -4.31 1.84 -5.48
C HIS A 169 -4.71 1.19 -6.80
N ILE A 170 -3.85 1.33 -7.80
CA ILE A 170 -4.16 0.80 -9.12
C ILE A 170 -2.85 0.65 -9.91
N ILE A 171 -2.75 -0.47 -10.63
CA ILE A 171 -1.60 -0.78 -11.47
C ILE A 171 -1.98 -0.52 -12.93
N MET A 172 -1.26 0.39 -13.56
CA MET A 172 -1.49 0.63 -14.98
C MET A 172 -0.99 -0.53 -15.82
N ASP A 173 -1.47 -0.55 -17.06
CA ASP A 173 -1.03 -1.51 -18.07
C ASP A 173 0.29 -1.03 -18.67
N PHE A 174 1.34 -1.14 -17.87
CA PHE A 174 2.66 -0.78 -18.36
C PHE A 174 3.08 -1.56 -19.60
N PRO A 175 2.77 -2.85 -19.74
CA PRO A 175 3.15 -3.52 -20.99
C PRO A 175 2.55 -2.84 -22.22
N ALA A 176 1.38 -2.21 -22.08
CA ALA A 176 0.77 -1.53 -23.23
C ALA A 176 1.55 -0.27 -23.61
N ILE A 177 1.84 0.59 -22.64
CA ILE A 177 2.58 1.80 -22.97
C ILE A 177 3.98 1.45 -23.43
N LEU A 178 4.58 0.40 -22.86
CA LEU A 178 5.93 0.01 -23.27
C LEU A 178 5.96 -0.50 -24.71
N GLU A 179 4.89 -1.13 -25.17
CA GLU A 179 4.96 -1.65 -26.53
C GLU A 179 4.50 -0.63 -27.56
N HIS A 180 3.75 0.39 -27.15
CA HIS A 180 3.15 1.34 -28.08
C HIS A 180 3.87 2.69 -28.14
N GLY A 181 4.23 3.26 -26.99
CA GLY A 181 4.79 4.59 -26.96
C GLY A 181 3.71 5.65 -26.93
N VAL A 182 4.13 6.88 -26.65
CA VAL A 182 3.20 7.98 -26.42
C VAL A 182 2.43 8.35 -27.69
N GLN A 183 3.15 8.46 -28.81
CA GLN A 183 2.48 8.96 -30.01
C GLN A 183 1.40 8.00 -30.48
N TYR A 184 1.57 6.71 -30.24
CA TYR A 184 0.53 5.77 -30.64
C TYR A 184 -0.79 6.13 -29.96
N TYR A 185 -0.73 6.49 -28.67
CA TYR A 185 -1.96 6.83 -27.95
C TYR A 185 -2.55 8.13 -28.48
N ILE A 186 -1.70 9.11 -28.77
CA ILE A 186 -2.17 10.37 -29.35
C ILE A 186 -2.98 10.08 -30.61
N ASP A 187 -2.45 9.22 -31.48
CA ASP A 187 -3.08 8.96 -32.76
C ASP A 187 -4.40 8.19 -32.61
N ILE A 188 -4.42 7.14 -31.78
CA ILE A 188 -5.69 6.42 -31.60
C ILE A 188 -6.72 7.30 -30.93
N LEU A 189 -6.30 8.15 -30.01
CA LEU A 189 -7.27 9.05 -29.39
C LEU A 189 -7.78 10.08 -30.38
N SER A 190 -6.92 10.56 -31.29
CA SER A 190 -7.40 11.35 -32.42
C SER A 190 -8.53 10.64 -33.14
N ASP A 191 -8.30 9.39 -33.54
CA ASP A 191 -9.32 8.61 -34.24
C ASP A 191 -10.55 8.38 -33.37
N LYS A 192 -10.36 8.17 -32.06
CA LYS A 192 -11.52 7.98 -31.19
C LYS A 192 -12.32 9.26 -31.09
N ILE A 193 -11.65 10.40 -30.98
CA ILE A 193 -12.36 11.67 -30.90
C ILE A 193 -13.16 11.89 -32.18
N THR A 194 -12.54 11.59 -33.32
CA THR A 194 -13.24 11.68 -34.59
C THR A 194 -14.45 10.76 -34.63
N GLU A 195 -14.27 9.48 -34.23
CA GLU A 195 -15.35 8.51 -34.34
C GLU A 195 -16.42 8.69 -33.27
N GLN A 196 -16.10 9.38 -32.16
CA GLN A 196 -17.05 9.63 -31.08
C GLN A 196 -16.86 11.05 -30.58
N PRO A 197 -17.31 12.04 -31.34
CA PRO A 197 -16.97 13.44 -31.02
C PRO A 197 -17.57 13.95 -29.72
N ASP A 198 -18.49 13.22 -29.11
CA ASP A 198 -19.12 13.70 -27.88
C ASP A 198 -18.50 13.09 -26.63
N ASN A 199 -17.54 12.19 -26.79
CA ASN A 199 -16.96 11.48 -25.65
C ASN A 199 -15.86 12.32 -25.03
N HIS A 200 -16.10 12.81 -23.81
CA HIS A 200 -15.14 13.69 -23.17
C HIS A 200 -13.91 12.91 -22.68
N PHE A 201 -14.09 11.64 -22.32
CA PHE A 201 -12.96 10.86 -21.86
C PHE A 201 -11.83 10.87 -22.90
N PHE A 202 -12.16 10.58 -24.15
CA PHE A 202 -11.13 10.57 -25.18
C PHE A 202 -10.42 11.91 -25.29
N LYS A 203 -11.16 13.01 -25.19
CA LYS A 203 -10.52 14.31 -25.28
C LYS A 203 -9.60 14.54 -24.10
N ALA A 204 -10.05 14.14 -22.90
CA ALA A 204 -9.22 14.32 -21.71
C ALA A 204 -7.90 13.57 -21.87
N GLY A 205 -7.98 12.31 -22.31
CA GLY A 205 -6.76 11.53 -22.46
C GLY A 205 -5.85 12.08 -23.53
N TYR A 206 -6.43 12.57 -24.62
CA TYR A 206 -5.64 13.23 -25.67
C TYR A 206 -4.81 14.36 -25.09
N LEU A 207 -5.47 15.31 -24.42
CA LEU A 207 -4.75 16.40 -23.79
C LEU A 207 -3.57 15.91 -22.97
N ILE A 208 -3.78 14.93 -22.09
CA ILE A 208 -2.68 14.55 -21.21
C ILE A 208 -1.56 13.88 -22.00
N CYS A 209 -1.90 13.01 -22.95
CA CYS A 209 -0.86 12.37 -23.75
C CYS A 209 -0.03 13.41 -24.50
N GLN A 210 -0.68 14.42 -25.08
CA GLN A 210 0.04 15.53 -25.68
C GLN A 210 0.95 16.20 -24.66
N ALA A 211 0.43 16.50 -23.48
CA ALA A 211 1.27 17.13 -22.46
C ALA A 211 2.40 16.21 -21.99
N MET A 212 2.22 14.88 -22.07
CA MET A 212 3.32 13.98 -21.73
C MET A 212 4.40 14.01 -22.81
N LYS A 213 3.99 14.06 -24.08
CA LYS A 213 4.94 14.30 -25.17
C LYS A 213 5.76 15.56 -24.89
N ASP A 214 5.06 16.67 -24.64
CA ASP A 214 5.76 17.93 -24.34
C ASP A 214 6.61 17.83 -23.08
N HIS A 215 6.19 17.03 -22.10
CA HIS A 215 6.97 16.94 -20.87
C HIS A 215 8.28 16.22 -21.14
N PHE A 216 8.24 15.17 -21.96
CA PHE A 216 9.48 14.55 -22.39
C PHE A 216 10.40 15.58 -23.03
N ILE A 217 9.85 16.43 -23.90
CA ILE A 217 10.64 17.43 -24.59
C ILE A 217 11.23 18.42 -23.62
N ARG A 218 10.48 18.81 -22.58
CA ARG A 218 11.05 19.71 -21.59
C ARG A 218 12.32 19.10 -20.98
N TYR A 219 12.26 17.82 -20.62
CA TYR A 219 13.43 17.16 -20.05
C TYR A 219 14.55 17.04 -21.08
N ALA A 220 14.20 16.69 -22.33
CA ALA A 220 15.20 16.58 -23.38
C ALA A 220 15.96 17.89 -23.55
N ASP A 221 15.21 19.00 -23.71
CA ASP A 221 15.85 20.31 -23.84
C ASP A 221 16.71 20.62 -22.62
N LEU A 222 16.29 20.16 -21.45
CA LEU A 222 17.07 20.47 -20.25
C LEU A 222 18.35 19.66 -20.24
N ALA A 223 18.26 18.36 -20.56
CA ALA A 223 19.46 17.53 -20.67
C ALA A 223 20.46 18.15 -21.63
N GLN A 224 20.00 18.57 -22.81
CA GLN A 224 20.92 19.13 -23.80
C GLN A 224 21.59 20.40 -23.27
N GLU A 225 20.78 21.34 -22.78
CA GLU A 225 21.33 22.56 -22.22
C GLU A 225 22.36 22.24 -21.13
N MET A 226 22.02 21.30 -20.25
CA MET A 226 22.93 20.94 -19.16
C MET A 226 24.22 20.34 -19.69
N SER A 227 24.17 19.64 -20.83
CA SER A 227 25.37 18.97 -21.31
C SER A 227 26.45 19.96 -21.70
N LEU A 228 26.05 21.18 -22.08
CA LEU A 228 27.01 22.17 -22.56
C LEU A 228 28.04 22.52 -21.48
N THR A 229 27.64 22.52 -20.21
CA THR A 229 28.48 22.93 -19.10
C THR A 229 28.88 21.78 -18.19
N ALA A 230 28.84 20.54 -18.67
CA ALA A 230 29.00 19.37 -17.83
C ALA A 230 30.34 18.69 -18.07
N ASP A 231 30.84 18.00 -17.04
CA ASP A 231 32.13 17.35 -17.18
C ASP A 231 32.12 16.41 -18.39
N ALA A 232 33.32 15.98 -18.78
CA ALA A 232 33.48 15.26 -20.05
C ALA A 232 32.64 13.99 -20.10
N CYS A 233 32.44 13.32 -18.97
CA CYS A 233 31.62 12.11 -18.95
C CYS A 233 30.13 12.45 -18.83
N ARG A 234 29.79 13.30 -17.87
CA ARG A 234 28.40 13.65 -17.67
C ARG A 234 27.80 14.30 -18.91
N ARG A 235 28.62 15.00 -19.71
CA ARG A 235 28.11 15.60 -20.94
C ARG A 235 27.53 14.54 -21.86
N GLN A 236 28.29 13.45 -22.07
CA GLN A 236 27.81 12.37 -22.91
C GLN A 236 26.54 11.76 -22.35
N GLU A 237 26.44 11.65 -21.02
CA GLU A 237 25.25 11.07 -20.41
C GLU A 237 24.04 11.96 -20.62
N LEU A 238 24.23 13.28 -20.42
CA LEU A 238 23.13 14.20 -20.62
C LEU A 238 22.72 14.26 -22.08
N GLU A 239 23.67 14.08 -23.00
CA GLU A 239 23.32 14.03 -24.41
C GLU A 239 22.55 12.76 -24.72
N ARG A 240 22.91 11.66 -24.05
CA ARG A 240 22.19 10.41 -24.23
C ARG A 240 20.76 10.53 -23.70
N ILE A 241 20.59 11.19 -22.56
CA ILE A 241 19.27 11.41 -22.00
C ILE A 241 18.42 12.27 -22.92
N ALA A 242 18.98 13.39 -23.41
CA ALA A 242 18.26 14.24 -24.34
C ALA A 242 17.76 13.45 -25.54
N GLN A 243 18.67 12.70 -26.17
CA GLN A 243 18.27 11.91 -27.32
C GLN A 243 17.19 10.89 -26.96
N MET A 244 17.28 10.32 -25.75
CA MET A 244 16.28 9.35 -25.30
C MET A 244 14.92 10.01 -25.11
N CYS A 245 14.90 11.17 -24.44
CA CYS A 245 13.64 11.84 -24.15
C CYS A 245 13.01 12.41 -25.41
N TYR A 246 13.81 12.92 -26.35
CA TYR A 246 13.24 13.30 -27.64
C TYR A 246 12.60 12.10 -28.31
N LYS A 247 13.28 10.95 -28.28
CA LYS A 247 12.73 9.75 -28.90
C LYS A 247 11.43 9.33 -28.23
N LEU A 248 11.46 9.21 -26.90
CA LEU A 248 10.33 8.68 -26.16
C LEU A 248 9.19 9.69 -26.06
N SER A 249 9.42 10.96 -26.39
CA SER A 249 8.28 11.87 -26.49
C SER A 249 7.24 11.33 -27.45
N GLN A 250 7.65 10.46 -28.41
CA GLN A 250 6.73 9.88 -29.38
C GLN A 250 6.85 8.37 -29.52
N GLU A 251 8.07 7.85 -29.55
CA GLU A 251 8.30 6.50 -30.07
C GLU A 251 8.30 5.45 -28.96
N LYS A 252 7.97 4.22 -29.35
CA LYS A 252 8.04 3.11 -28.41
C LYS A 252 9.51 2.82 -28.06
N PRO A 253 9.78 2.42 -26.82
CA PRO A 253 11.16 2.12 -26.43
C PRO A 253 11.65 0.86 -27.12
N ASP A 254 12.96 0.84 -27.39
CA ASP A 254 13.62 -0.32 -27.97
C ASP A 254 14.56 -1.02 -27.02
N SER A 255 15.18 -0.27 -26.11
CA SER A 255 16.14 -0.80 -25.16
C SER A 255 15.56 -0.84 -23.75
N PHE A 256 16.19 -1.67 -22.92
CA PHE A 256 15.94 -1.68 -21.48
C PHE A 256 16.04 -0.28 -20.89
N TYR A 257 17.13 0.42 -21.21
CA TYR A 257 17.31 1.79 -20.73
C TYR A 257 16.09 2.65 -21.06
N GLU A 258 15.64 2.59 -22.31
CA GLU A 258 14.50 3.39 -22.73
C GLU A 258 13.20 2.90 -22.07
N ALA A 259 13.03 1.59 -21.94
CA ALA A 259 11.82 1.09 -21.30
C ALA A 259 11.72 1.59 -19.85
N LEU A 260 12.84 1.61 -19.14
CA LEU A 260 12.82 2.14 -17.79
C LEU A 260 12.43 3.61 -17.78
N GLN A 261 12.93 4.38 -18.75
CA GLN A 261 12.61 5.80 -18.79
C GLN A 261 11.14 6.02 -19.12
N LEU A 262 10.60 5.29 -20.11
CA LEU A 262 9.18 5.40 -20.38
C LEU A 262 8.36 4.94 -19.19
N LEU A 263 8.81 3.87 -18.52
CA LEU A 263 8.06 3.34 -17.38
C LEU A 263 8.01 4.35 -16.25
N TRP A 264 9.14 4.98 -15.94
CA TRP A 264 9.10 5.94 -14.84
C TRP A 264 8.44 7.26 -15.26
N MET A 265 8.56 7.68 -16.52
CA MET A 265 7.86 8.92 -16.89
C MET A 265 6.35 8.72 -16.85
N THR A 266 5.87 7.55 -17.26
CA THR A 266 4.45 7.23 -17.09
C THR A 266 4.05 7.33 -15.63
N SER A 267 4.88 6.77 -14.74
CA SER A 267 4.60 6.89 -13.30
C SER A 267 4.54 8.34 -12.87
N ILE A 268 5.44 9.18 -13.37
CA ILE A 268 5.44 10.58 -12.98
C ILE A 268 4.14 11.27 -13.45
N VAL A 269 3.77 11.03 -14.71
CA VAL A 269 2.54 11.64 -15.21
C VAL A 269 1.35 11.16 -14.38
N ALA A 270 1.29 9.86 -14.11
CA ALA A 270 0.22 9.34 -13.27
C ALA A 270 0.19 10.03 -11.91
N GLN A 271 1.36 10.31 -11.33
CA GLN A 271 1.37 10.96 -10.03
C GLN A 271 0.88 12.40 -10.12
N TYR A 272 1.26 13.12 -11.18
CA TYR A 272 0.72 14.47 -11.37
C TYR A 272 -0.80 14.43 -11.47
N GLU A 273 -1.33 13.40 -12.14
CA GLU A 273 -2.77 13.26 -12.32
C GLU A 273 -3.47 13.02 -10.98
N SER A 274 -3.06 11.98 -10.24
CA SER A 274 -3.84 11.61 -9.06
C SER A 274 -3.17 11.89 -7.72
N ASN A 275 -1.85 12.08 -7.68
CA ASN A 275 -1.15 12.43 -6.44
C ASN A 275 -1.60 11.51 -5.30
N ALA A 276 -1.44 10.20 -5.53
CA ALA A 276 -2.01 9.20 -4.65
C ALA A 276 -0.97 8.13 -4.31
N SER A 277 -1.34 7.29 -3.37
CA SER A 277 -0.51 6.15 -2.99
C SER A 277 -0.79 4.97 -3.90
N SER A 278 0.23 4.11 -4.03
CA SER A 278 0.06 2.77 -4.59
C SER A 278 -0.37 2.81 -6.05
N LEU A 279 0.31 3.65 -6.81
CA LEU A 279 0.32 3.52 -8.27
C LEU A 279 1.39 2.49 -8.60
N SER A 280 1.12 1.26 -8.16
CA SER A 280 2.11 0.20 -8.10
C SER A 280 2.49 -0.26 -9.50
N LEU A 281 3.56 -1.06 -9.57
CA LEU A 281 4.22 -1.33 -10.83
C LEU A 281 3.89 -2.68 -11.43
N GLY A 282 3.27 -3.60 -10.67
CA GLY A 282 2.91 -4.87 -11.28
C GLY A 282 4.12 -5.74 -11.53
N ARG A 283 4.05 -6.55 -12.60
CA ARG A 283 5.01 -7.63 -12.81
C ARG A 283 6.21 -7.12 -13.62
N THR A 284 7.01 -6.30 -12.97
CA THR A 284 8.02 -5.52 -13.71
C THR A 284 9.09 -6.41 -14.31
N ASP A 285 9.47 -7.50 -13.63
CA ASP A 285 10.42 -8.42 -14.22
C ASP A 285 9.86 -9.09 -15.47
N GLN A 286 8.53 -9.23 -15.56
CA GLN A 286 7.93 -9.89 -16.71
C GLN A 286 7.95 -8.99 -17.93
N TYR A 287 7.55 -7.72 -17.77
CA TYR A 287 7.42 -6.85 -18.93
C TYR A 287 8.70 -6.08 -19.27
N LEU A 288 9.68 -6.03 -18.37
CA LEU A 288 10.98 -5.44 -18.74
C LEU A 288 11.96 -6.48 -19.27
N TYR A 289 11.84 -7.75 -18.90
CA TYR A 289 12.81 -8.74 -19.36
C TYR A 289 12.97 -8.79 -20.88
N PRO A 290 11.92 -8.69 -21.70
CA PRO A 290 12.16 -8.67 -23.15
C PRO A 290 13.08 -7.54 -23.58
N PHE A 291 13.02 -6.40 -22.90
CA PHE A 291 13.91 -5.29 -23.22
C PHE A 291 15.30 -5.52 -22.67
N TYR A 292 15.41 -6.17 -21.51
CA TYR A 292 16.72 -6.50 -20.99
C TYR A 292 17.40 -7.48 -21.93
N LYS A 293 16.69 -8.54 -22.32
CA LYS A 293 17.24 -9.51 -23.24
C LYS A 293 17.68 -8.85 -24.54
N ALA A 294 16.78 -8.07 -25.13
CA ALA A 294 17.07 -7.46 -26.44
C ALA A 294 18.29 -6.55 -26.36
N SER A 295 18.51 -5.89 -25.22
CA SER A 295 19.69 -5.06 -25.05
C SER A 295 20.97 -5.90 -24.93
N LEU A 296 20.90 -7.02 -24.21
CA LEU A 296 22.06 -7.89 -24.06
C LEU A 296 22.60 -8.32 -25.41
N GLU A 297 21.78 -9.03 -26.20
CA GLU A 297 21.99 -9.01 -27.63
C GLU A 297 22.01 -7.55 -28.05
N ALA A 298 22.93 -7.16 -28.89
CA ALA A 298 23.16 -5.75 -29.22
C ALA A 298 24.20 -5.13 -28.30
N GLY A 299 24.71 -5.87 -27.32
CA GLY A 299 25.92 -5.49 -26.60
C GLY A 299 25.82 -4.36 -25.60
N GLU A 300 24.68 -4.20 -24.93
CA GLU A 300 24.48 -2.98 -24.16
C GLU A 300 25.31 -2.92 -22.88
N SER A 301 25.70 -4.05 -22.30
CA SER A 301 26.48 -4.01 -21.07
C SER A 301 25.60 -4.12 -19.83
N GLU A 302 25.79 -5.21 -19.11
CA GLU A 302 25.00 -5.46 -17.91
C GLU A 302 25.26 -4.43 -16.83
N ALA A 303 26.48 -3.90 -16.78
CA ALA A 303 26.81 -2.93 -15.74
C ALA A 303 26.02 -1.64 -15.92
N PHE A 304 25.86 -1.17 -17.16
CA PHE A 304 25.09 0.05 -17.37
C PHE A 304 23.61 -0.18 -17.06
N MET A 305 23.03 -1.26 -17.59
CA MET A 305 21.65 -1.59 -17.29
C MET A 305 21.42 -1.70 -15.78
N TYR A 306 22.36 -2.28 -15.06
CA TYR A 306 22.28 -2.31 -13.60
C TYR A 306 22.15 -0.90 -13.02
N GLU A 307 23.00 0.04 -13.47
CA GLU A 307 22.96 1.40 -12.93
C GLU A 307 21.64 2.09 -13.27
N ALA A 308 21.13 1.88 -14.49
CA ALA A 308 19.85 2.48 -14.86
C ALA A 308 18.71 1.91 -14.03
N LEU A 309 18.72 0.60 -13.78
CA LEU A 309 17.76 0.00 -12.86
C LEU A 309 17.90 0.61 -11.46
N GLY A 310 19.14 0.78 -11.00
CA GLY A 310 19.34 1.39 -9.69
C GLY A 310 18.81 2.80 -9.62
N ASP A 311 18.99 3.57 -10.70
CA ASP A 311 18.36 4.89 -10.80
C ASP A 311 16.86 4.76 -10.60
N PHE A 312 16.25 3.80 -11.29
CA PHE A 312 14.81 3.61 -11.18
C PHE A 312 14.39 3.30 -9.75
N TYR A 313 15.09 2.36 -9.09
CA TYR A 313 14.79 2.07 -7.70
C TYR A 313 14.87 3.32 -6.83
N ILE A 314 15.89 4.16 -7.03
CA ILE A 314 16.00 5.37 -6.21
C ILE A 314 14.85 6.31 -6.51
N LYS A 315 14.44 6.40 -7.78
CA LYS A 315 13.31 7.25 -8.16
C LYS A 315 12.09 6.97 -7.30
N THR A 316 11.82 5.68 -7.05
CA THR A 316 10.60 5.33 -6.33
C THR A 316 10.66 5.77 -4.88
N ASN A 317 11.85 6.05 -4.35
CA ASN A 317 11.94 6.55 -2.99
C ASN A 317 11.90 8.07 -2.90
N ASP A 318 11.75 8.78 -4.02
CA ASP A 318 11.54 10.21 -3.90
C ASP A 318 10.09 10.56 -3.63
N VAL A 319 9.17 9.59 -3.78
CA VAL A 319 7.74 9.82 -3.68
C VAL A 319 7.28 9.46 -2.27
N VAL A 320 6.82 10.46 -1.52
CA VAL A 320 6.17 10.25 -0.24
C VAL A 320 4.87 11.05 -0.25
N LEU A 321 3.81 10.48 0.32
CA LEU A 321 2.51 11.12 0.24
C LEU A 321 2.19 11.84 1.54
N LEU A 322 1.63 13.03 1.41
CA LEU A 322 1.25 13.87 2.53
C LEU A 322 -0.14 13.49 3.02
N ARG A 323 -0.30 13.46 4.33
CA ARG A 323 -1.58 13.08 4.90
C ARG A 323 -1.73 13.79 6.24
N SER A 324 -2.96 13.76 6.75
CA SER A 324 -3.29 14.43 7.99
C SER A 324 -2.75 13.63 9.17
N GLN A 325 -2.72 14.31 10.32
CA GLN A 325 -2.23 13.67 11.54
C GLN A 325 -3.04 12.42 11.85
N SER A 326 -4.37 12.49 11.74
CA SER A 326 -5.19 11.31 12.03
C SER A 326 -5.00 10.24 10.98
N SER A 327 -4.83 10.63 9.71
CA SER A 327 -4.55 9.66 8.67
C SER A 327 -3.19 8.99 8.90
N ALA A 328 -2.21 9.72 9.43
CA ALA A 328 -0.88 9.16 9.63
C ALA A 328 -0.87 8.13 10.75
N LYS A 329 -1.89 8.10 11.60
CA LYS A 329 -1.97 7.04 12.60
C LYS A 329 -2.24 5.68 11.95
N CYS A 330 -3.14 5.65 10.95
CA CYS A 330 -3.46 4.42 10.22
C CYS A 330 -2.37 4.03 9.23
N PHE A 331 -1.70 5.01 8.64
CA PHE A 331 -0.82 4.80 7.48
C PHE A 331 0.53 5.49 7.70
N ALA A 332 1.20 5.12 8.79
CA ALA A 332 2.37 5.84 9.26
C ALA A 332 3.63 5.45 8.48
N GLY A 333 4.50 6.42 8.26
CA GLY A 333 5.84 6.13 7.79
C GLY A 333 6.02 5.99 6.29
N PHE A 334 5.06 6.47 5.49
CA PHE A 334 5.16 6.57 4.04
C PHE A 334 5.07 5.21 3.33
N PRO A 335 3.92 4.53 3.42
CA PRO A 335 3.66 3.33 2.59
C PRO A 335 3.33 3.68 1.15
N THR A 336 4.36 4.05 0.38
CA THR A 336 4.14 4.64 -0.94
C THR A 336 3.58 3.64 -1.95
N GLY A 337 3.92 2.37 -1.84
CA GLY A 337 3.29 1.38 -2.69
C GLY A 337 3.77 1.28 -4.13
N TYR A 338 5.06 1.53 -4.40
CA TYR A 338 5.63 1.20 -5.72
C TYR A 338 5.98 -0.28 -5.69
N THR A 339 4.93 -1.09 -5.65
CA THR A 339 5.05 -2.49 -5.34
C THR A 339 5.30 -3.27 -6.63
N ILE A 340 6.27 -4.18 -6.58
CA ILE A 340 6.67 -4.97 -7.73
C ILE A 340 6.46 -6.43 -7.37
N ALA A 341 5.81 -7.18 -8.25
CA ALA A 341 5.66 -8.61 -8.08
C ALA A 341 6.65 -9.32 -9.01
N LEU A 342 7.46 -10.21 -8.45
CA LEU A 342 8.50 -10.93 -9.17
C LEU A 342 8.13 -12.40 -9.36
N GLY A 343 8.60 -12.99 -10.45
CA GLY A 343 8.39 -14.42 -10.56
C GLY A 343 6.91 -14.73 -10.73
N GLY A 344 6.50 -15.90 -10.27
CA GLY A 344 5.12 -16.34 -10.39
C GLY A 344 4.91 -17.34 -11.51
N LEU A 345 3.81 -17.19 -12.24
CA LEU A 345 3.43 -18.08 -13.34
C LEU A 345 3.29 -17.32 -14.65
N ASP A 346 3.48 -18.01 -15.77
CA ASP A 346 3.19 -17.42 -17.07
C ASP A 346 1.84 -17.92 -17.55
N GLU A 347 1.45 -17.51 -18.76
CA GLU A 347 0.11 -17.81 -19.25
C GLU A 347 -0.16 -19.31 -19.36
N TYR A 348 0.88 -20.13 -19.37
CA TYR A 348 0.76 -21.57 -19.52
C TYR A 348 0.70 -22.29 -18.18
N GLY A 349 0.82 -21.56 -17.08
CA GLY A 349 0.95 -22.19 -15.78
C GLY A 349 2.33 -22.70 -15.48
N HIS A 350 3.35 -22.23 -16.21
CA HIS A 350 4.74 -22.56 -15.94
C HIS A 350 5.39 -21.44 -15.14
N THR A 351 6.54 -21.75 -14.54
CA THR A 351 7.23 -20.71 -13.79
C THR A 351 7.57 -19.54 -14.71
N ALA A 352 7.40 -18.33 -14.18
CA ALA A 352 7.68 -17.10 -14.88
C ALA A 352 9.00 -16.47 -14.46
N VAL A 353 9.74 -17.12 -13.55
CA VAL A 353 11.04 -16.61 -13.12
C VAL A 353 11.96 -16.54 -14.32
N ASN A 354 12.58 -15.37 -14.50
CA ASN A 354 13.50 -15.11 -15.62
C ASN A 354 14.76 -14.45 -15.08
N PRO A 355 15.78 -14.30 -15.93
CA PRO A 355 17.05 -13.72 -15.43
C PRO A 355 16.91 -12.34 -14.82
N LEU A 356 15.96 -11.53 -15.29
CA LEU A 356 15.77 -10.21 -14.69
C LEU A 356 15.20 -10.32 -13.27
N SER A 357 14.41 -11.36 -13.01
CA SER A 357 13.89 -11.59 -11.65
C SER A 357 15.03 -11.65 -10.64
N TYR A 358 16.10 -12.37 -10.96
CA TYR A 358 17.23 -12.45 -10.03
C TYR A 358 17.89 -11.09 -9.87
N ILE A 359 18.12 -10.40 -10.99
CA ILE A 359 18.79 -9.10 -10.95
C ILE A 359 17.99 -8.13 -10.08
N MET A 360 16.66 -8.17 -10.19
CA MET A 360 15.86 -7.21 -9.45
C MET A 360 15.90 -7.45 -7.94
N LEU A 361 16.19 -8.68 -7.51
CA LEU A 361 16.44 -8.90 -6.08
C LEU A 361 17.85 -8.47 -5.72
N ASP A 362 18.84 -8.87 -6.51
CA ASP A 362 20.24 -8.59 -6.18
C ASP A 362 20.50 -7.08 -6.05
N ILE A 363 19.96 -6.27 -6.97
CA ILE A 363 20.22 -4.84 -6.86
C ILE A 363 19.68 -4.31 -5.55
N TYR A 364 18.59 -4.88 -5.04
CA TYR A 364 18.03 -4.41 -3.77
C TYR A 364 19.06 -4.49 -2.64
N HIS A 365 20.06 -5.36 -2.74
CA HIS A 365 21.04 -5.48 -1.66
C HIS A 365 21.84 -4.19 -1.46
N GLU A 366 21.97 -3.38 -2.51
CA GLU A 366 22.58 -2.06 -2.47
C GLU A 366 21.61 -0.96 -2.07
N ILE A 367 20.32 -1.14 -2.37
CA ILE A 367 19.34 -0.09 -2.16
C ILE A 367 18.94 -0.02 -0.70
N LEU A 368 18.42 -1.13 -0.17
CA LEU A 368 17.98 -1.21 1.23
C LEU A 368 17.10 -0.02 1.58
N LEU A 369 16.18 0.31 0.69
CA LEU A 369 15.23 1.38 0.95
C LEU A 369 13.82 0.81 1.02
N PRO A 370 12.83 1.59 1.48
CA PRO A 370 11.46 1.07 1.52
C PRO A 370 10.85 0.82 0.15
N GLN A 371 11.30 1.49 -0.90
CA GLN A 371 10.85 1.21 -2.26
C GLN A 371 12.01 0.75 -3.14
N PRO A 372 11.71 0.03 -4.23
CA PRO A 372 10.34 -0.43 -4.47
C PRO A 372 9.92 -1.51 -3.47
N ASN A 373 8.62 -1.68 -3.26
CA ASN A 373 8.07 -2.66 -2.34
C ASN A 373 8.06 -4.02 -3.04
N LEU A 374 9.24 -4.64 -3.09
CA LEU A 374 9.44 -5.85 -3.88
C LEU A 374 8.72 -7.04 -3.25
N SER A 375 8.12 -7.86 -4.11
CA SER A 375 7.30 -8.98 -3.70
C SER A 375 7.61 -10.17 -4.59
N VAL A 376 7.66 -11.35 -4.00
CA VAL A 376 7.90 -12.58 -4.75
C VAL A 376 6.62 -13.39 -4.77
N ARG A 377 6.19 -13.79 -5.96
CA ARG A 377 5.06 -14.68 -6.13
C ARG A 377 5.53 -16.12 -5.97
N MET A 378 4.98 -16.82 -4.98
CA MET A 378 5.35 -18.19 -4.65
C MET A 378 4.43 -19.20 -5.34
N ASN A 379 4.99 -20.33 -5.68
CA ASN A 379 4.24 -21.51 -6.10
C ASN A 379 5.19 -22.70 -6.06
N GLU A 380 4.67 -23.87 -6.41
CA GLU A 380 5.47 -25.08 -6.37
C GLU A 380 6.48 -25.16 -7.51
N LEU A 381 6.38 -24.28 -8.50
CA LEU A 381 7.30 -24.24 -9.63
C LEU A 381 8.45 -23.26 -9.41
N ILE A 382 8.55 -22.64 -8.23
CA ILE A 382 9.61 -21.65 -8.05
C ILE A 382 10.97 -22.35 -8.15
N PRO A 383 11.88 -21.89 -9.00
CA PRO A 383 13.21 -22.48 -9.02
C PRO A 383 13.89 -22.34 -7.67
N ARG A 384 14.58 -23.40 -7.26
CA ARG A 384 15.22 -23.40 -5.94
C ARG A 384 16.20 -22.23 -5.83
N ARG A 385 17.01 -22.00 -6.87
CA ARG A 385 17.98 -20.91 -6.78
C ARG A 385 17.28 -19.57 -6.55
N PHE A 386 16.13 -19.35 -7.20
CA PHE A 386 15.40 -18.12 -6.99
C PHE A 386 14.81 -18.07 -5.58
N LEU A 387 14.29 -19.19 -5.10
CA LEU A 387 13.77 -19.26 -3.73
C LEU A 387 14.84 -18.90 -2.72
N LEU A 388 16.04 -19.46 -2.89
CA LEU A 388 17.14 -19.18 -1.97
C LEU A 388 17.57 -17.73 -2.08
N LYS A 389 17.54 -17.17 -3.29
CA LYS A 389 17.85 -15.76 -3.47
C LYS A 389 16.82 -14.88 -2.76
N THR A 390 15.55 -15.27 -2.82
CA THR A 390 14.52 -14.55 -2.08
C THR A 390 14.82 -14.57 -0.58
N CYS A 391 15.13 -15.76 -0.05
CA CYS A 391 15.46 -15.87 1.35
C CYS A 391 16.69 -15.03 1.71
N GLU A 392 17.73 -15.07 0.88
CA GLU A 392 18.92 -14.27 1.18
C GLU A 392 18.56 -12.79 1.27
N THR A 393 17.72 -12.30 0.35
CA THR A 393 17.34 -10.89 0.37
C THR A 393 16.51 -10.54 1.61
N ILE A 394 15.53 -11.38 1.96
CA ILE A 394 14.75 -11.12 3.16
C ILE A 394 15.67 -11.06 4.37
N ARG A 395 16.71 -11.89 4.37
CA ARG A 395 17.60 -11.94 5.51
C ARG A 395 18.35 -10.63 5.73
N LEU A 396 18.44 -9.77 4.70
CA LEU A 396 19.00 -8.43 4.90
C LEU A 396 18.29 -7.69 6.02
N GLY A 397 17.05 -8.05 6.31
CA GLY A 397 16.37 -7.44 7.44
C GLY A 397 15.70 -6.10 7.16
N THR A 398 15.37 -5.77 5.92
CA THR A 398 14.53 -4.60 5.66
C THR A 398 13.05 -4.93 5.57
N GLY A 399 12.69 -6.20 5.54
CA GLY A 399 11.32 -6.62 5.32
C GLY A 399 11.00 -6.96 3.88
N ILE A 400 11.91 -6.64 2.96
CA ILE A 400 11.68 -6.77 1.51
C ILE A 400 12.57 -7.89 0.96
N PRO A 401 12.06 -8.78 0.12
CA PRO A 401 10.68 -8.81 -0.41
C PRO A 401 9.70 -9.53 0.49
N GLN A 402 8.42 -9.21 0.31
CA GLN A 402 7.32 -9.96 0.87
C GLN A 402 6.90 -11.06 -0.10
N LEU A 403 6.05 -11.97 0.36
CA LEU A 403 5.62 -13.14 -0.43
C LEU A 403 4.13 -13.12 -0.69
N PHE A 404 3.74 -13.54 -1.90
CA PHE A 404 2.34 -13.82 -2.20
C PHE A 404 2.23 -15.24 -2.74
N ASN A 405 1.15 -15.91 -2.38
CA ASN A 405 0.98 -17.33 -2.68
C ASN A 405 0.03 -17.49 -3.86
N ASP A 406 0.60 -17.86 -5.02
CA ASP A 406 -0.19 -18.20 -6.20
C ASP A 406 -1.22 -19.27 -5.91
N GLU A 407 -0.94 -20.14 -4.94
CA GLU A 407 -1.84 -21.27 -4.68
C GLU A 407 -3.20 -20.79 -4.20
N VAL A 408 -3.24 -19.66 -3.48
CA VAL A 408 -4.45 -19.04 -2.98
C VAL A 408 -4.94 -17.94 -3.91
N CYS A 409 -4.03 -17.03 -4.26
CA CYS A 409 -4.41 -15.80 -4.96
C CYS A 409 -5.04 -16.09 -6.32
N VAL A 410 -4.49 -17.04 -7.07
CA VAL A 410 -5.06 -17.34 -8.39
C VAL A 410 -6.51 -17.80 -8.23
N PRO A 411 -6.78 -18.90 -7.50
CA PRO A 411 -8.17 -19.34 -7.34
C PRO A 411 -9.08 -18.29 -6.73
N ALA A 412 -8.57 -17.49 -5.79
CA ALA A 412 -9.38 -16.42 -5.23
C ALA A 412 -9.90 -15.49 -6.31
N PHE A 413 -9.02 -15.08 -7.24
CA PHE A 413 -9.48 -14.25 -8.35
C PHE A 413 -10.44 -15.01 -9.25
N LEU A 414 -10.14 -16.27 -9.58
CA LEU A 414 -11.08 -17.08 -10.36
C LEU A 414 -12.46 -17.09 -9.71
N SER A 415 -12.50 -17.11 -8.38
CA SER A 415 -13.75 -17.05 -7.61
C SER A 415 -14.62 -15.85 -7.95
N LYS A 416 -13.99 -14.73 -8.29
CA LYS A 416 -14.70 -13.48 -8.52
C LYS A 416 -14.87 -13.18 -10.00
N GLY A 417 -14.85 -14.20 -10.84
CA GLY A 417 -15.08 -14.00 -12.26
C GLY A 417 -13.86 -13.57 -13.07
N VAL A 418 -12.68 -13.49 -12.47
CA VAL A 418 -11.49 -13.19 -13.26
C VAL A 418 -11.13 -14.41 -14.10
N SER A 419 -10.91 -14.19 -15.39
CA SER A 419 -10.50 -15.26 -16.29
C SER A 419 -9.15 -15.85 -15.88
N LEU A 420 -8.90 -17.06 -16.37
CA LEU A 420 -7.65 -17.75 -16.01
C LEU A 420 -6.42 -16.97 -16.49
N ASP A 421 -6.43 -16.47 -17.74
CA ASP A 421 -5.33 -15.64 -18.21
C ASP A 421 -5.07 -14.47 -17.28
N ASP A 422 -6.12 -13.73 -16.90
CA ASP A 422 -5.91 -12.55 -16.06
C ASP A 422 -5.48 -12.96 -14.65
N ALA A 423 -6.07 -14.04 -14.11
CA ALA A 423 -5.75 -14.39 -12.73
C ALA A 423 -4.32 -14.91 -12.61
N ARG A 424 -3.83 -15.66 -13.59
CA ARG A 424 -2.43 -16.04 -13.57
C ARG A 424 -1.50 -14.84 -13.62
N ASP A 425 -1.97 -13.69 -14.10
CA ASP A 425 -1.13 -12.52 -14.28
C ASP A 425 -1.23 -11.55 -13.11
N TYR A 426 -1.72 -11.99 -11.95
CA TYR A 426 -1.96 -11.02 -10.90
C TYR A 426 -0.65 -10.45 -10.36
N ALA A 427 -0.76 -9.26 -9.76
CA ALA A 427 0.33 -8.67 -9.02
C ALA A 427 -0.33 -8.01 -7.81
N THR A 428 0.34 -7.03 -7.20
CA THR A 428 -0.04 -6.51 -5.90
C THR A 428 -0.08 -4.99 -5.91
N VAL A 429 -1.17 -4.42 -5.41
CA VAL A 429 -1.27 -2.98 -5.18
C VAL A 429 -0.87 -2.69 -3.74
N GLY A 430 -0.06 -1.66 -3.56
CA GLY A 430 0.19 -1.14 -2.22
C GLY A 430 0.84 -2.18 -1.33
N CYS A 431 0.19 -2.48 -0.21
CA CYS A 431 0.75 -3.42 0.77
C CYS A 431 0.55 -4.86 0.33
N VAL A 432 -0.70 -5.34 0.37
CA VAL A 432 -1.02 -6.75 0.13
C VAL A 432 -2.25 -6.87 -0.75
N GLU A 433 -2.73 -5.74 -1.29
CA GLU A 433 -3.97 -5.74 -2.09
C GLU A 433 -3.71 -6.37 -3.46
N THR A 434 -3.74 -7.70 -3.48
CA THR A 434 -3.65 -8.43 -4.74
C THR A 434 -4.65 -7.91 -5.77
N SER A 435 -4.19 -7.77 -7.00
CA SER A 435 -4.98 -7.09 -8.02
C SER A 435 -4.55 -7.63 -9.38
N ILE A 436 -5.39 -7.38 -10.39
CA ILE A 436 -5.12 -7.83 -11.76
C ILE A 436 -4.50 -6.63 -12.51
N PRO A 437 -3.21 -6.67 -12.81
CA PRO A 437 -2.53 -5.47 -13.34
C PRO A 437 -3.11 -4.99 -14.66
N GLY A 438 -3.34 -3.68 -14.75
CA GLY A 438 -3.85 -3.07 -15.95
C GLY A 438 -5.28 -3.41 -16.30
N ARG A 439 -6.02 -4.04 -15.38
CA ARG A 439 -7.37 -4.51 -15.68
C ARG A 439 -8.36 -4.24 -14.55
N THR A 440 -7.95 -3.61 -13.48
CA THR A 440 -8.70 -3.60 -12.24
C THR A 440 -8.80 -2.18 -11.73
N TYR A 441 -9.97 -1.84 -11.20
CA TYR A 441 -10.17 -0.68 -10.36
C TYR A 441 -10.76 -1.24 -9.06
N GLY A 442 -9.94 -1.35 -8.03
CA GLY A 442 -10.33 -2.19 -6.91
C GLY A 442 -10.74 -1.48 -5.65
N LEU A 443 -10.62 -0.16 -5.59
CA LEU A 443 -10.74 0.59 -4.35
C LEU A 443 -10.15 -0.23 -3.20
N HIS A 444 -8.89 -0.62 -3.40
CA HIS A 444 -8.25 -1.69 -2.63
C HIS A 444 -8.01 -1.36 -1.17
N ASP A 445 -8.12 -0.10 -0.76
CA ASP A 445 -8.12 0.20 0.68
C ASP A 445 -9.15 1.29 0.97
N ILE A 446 -10.43 1.00 0.69
CA ILE A 446 -11.45 2.03 0.81
C ILE A 446 -11.92 2.19 2.26
N ALA A 447 -11.81 1.15 3.09
CA ALA A 447 -12.33 1.26 4.46
C ALA A 447 -11.60 0.29 5.37
N LEU A 448 -11.45 0.70 6.64
CA LEU A 448 -10.99 -0.16 7.73
C LEU A 448 -12.17 -0.49 8.65
N PHE A 449 -12.26 -1.76 9.03
CA PHE A 449 -13.43 -2.35 9.72
C PHE A 449 -12.94 -3.03 10.99
N ASN A 450 -13.35 -2.52 12.15
CA ASN A 450 -12.79 -2.89 13.44
C ASN A 450 -13.65 -4.00 14.05
N LEU A 451 -13.25 -5.25 13.83
CA LEU A 451 -14.06 -6.35 14.33
C LEU A 451 -14.06 -6.42 15.85
N LEU A 452 -12.97 -6.05 16.50
CA LEU A 452 -12.97 -6.17 17.96
C LEU A 452 -13.90 -5.15 18.59
N ARG A 453 -13.94 -3.94 18.03
CA ARG A 453 -14.89 -2.94 18.49
C ARG A 453 -16.32 -3.45 18.42
N ILE A 454 -16.67 -4.18 17.36
CA ILE A 454 -18.01 -4.73 17.25
C ILE A 454 -18.25 -5.73 18.38
N MET A 455 -17.29 -6.62 18.64
CA MET A 455 -17.45 -7.54 19.75
C MET A 455 -17.62 -6.78 21.07
N GLU A 456 -16.80 -5.74 21.29
CA GLU A 456 -16.95 -4.94 22.51
C GLU A 456 -18.35 -4.36 22.62
N LEU A 457 -18.83 -3.71 21.56
CA LEU A 457 -20.19 -3.19 21.57
C LEU A 457 -21.20 -4.28 21.94
N SER A 458 -20.96 -5.51 21.49
CA SER A 458 -21.92 -6.57 21.73
C SER A 458 -21.88 -7.01 23.20
N LEU A 459 -20.69 -7.15 23.76
CA LEU A 459 -20.59 -7.56 25.17
C LEU A 459 -21.25 -6.54 26.07
N TYR A 460 -20.95 -5.24 25.88
CA TYR A 460 -21.59 -4.22 26.69
C TYR A 460 -23.11 -4.21 26.50
N ASP A 461 -23.59 -4.37 25.26
CA ASP A 461 -25.02 -4.41 25.02
C ASP A 461 -25.70 -5.54 25.81
N LEU A 462 -25.07 -6.70 25.89
CA LEU A 462 -25.68 -7.84 26.56
C LEU A 462 -25.28 -7.95 28.03
N ARG A 463 -24.63 -6.91 28.58
CA ARG A 463 -23.99 -7.03 29.88
C ARG A 463 -25.00 -7.24 31.01
N TYR A 464 -26.23 -6.76 30.87
CA TYR A 464 -27.23 -6.85 31.94
C TYR A 464 -28.21 -7.99 31.73
N GLN A 465 -28.01 -8.81 30.70
CA GLN A 465 -28.89 -9.93 30.36
C GLN A 465 -28.48 -11.16 31.16
N THR A 466 -29.13 -11.40 32.31
CA THR A 466 -28.73 -12.52 33.16
C THR A 466 -28.92 -13.86 32.48
N GLN A 467 -29.81 -13.95 31.51
CA GLN A 467 -30.08 -15.20 30.83
C GLN A 467 -29.28 -15.36 29.55
N VAL A 468 -28.42 -14.39 29.22
CA VAL A 468 -27.70 -14.45 27.95
C VAL A 468 -26.94 -15.75 27.84
N THR A 469 -26.94 -16.32 26.65
CA THR A 469 -26.18 -17.51 26.33
C THR A 469 -24.96 -17.13 25.49
N TYR A 470 -24.01 -18.06 25.38
CA TYR A 470 -22.88 -17.82 24.49
C TYR A 470 -23.34 -17.67 23.04
N GLN A 471 -24.24 -18.56 22.61
CA GLN A 471 -24.80 -18.45 21.27
C GLN A 471 -25.47 -17.09 21.05
N ASP A 472 -26.06 -16.51 22.10
CA ASP A 472 -26.67 -15.19 21.98
C ASP A 472 -25.63 -14.14 21.61
N ILE A 473 -24.47 -14.21 22.24
CA ILE A 473 -23.40 -13.25 21.93
C ILE A 473 -22.97 -13.41 20.47
N TRP A 474 -22.76 -14.64 20.04
CA TRP A 474 -22.38 -14.94 18.67
C TRP A 474 -23.38 -14.35 17.67
N LYS A 475 -24.66 -14.70 17.82
CA LYS A 475 -25.71 -14.13 16.97
C LYS A 475 -25.66 -12.62 16.99
N ASP A 476 -25.49 -12.03 18.18
CA ASP A 476 -25.44 -10.58 18.25
C ASP A 476 -24.24 -10.02 17.49
N ILE A 477 -23.06 -10.63 17.66
CA ILE A 477 -21.90 -10.20 16.90
C ILE A 477 -22.17 -10.35 15.39
N GLU A 478 -22.73 -11.49 14.97
CA GLU A 478 -23.02 -11.67 13.55
C GLU A 478 -24.05 -10.64 13.08
N ALA A 479 -25.02 -10.31 13.92
CA ALA A 479 -26.04 -9.33 13.52
C ALA A 479 -25.43 -7.93 13.43
N LYS A 480 -24.55 -7.59 14.36
CA LYS A 480 -23.87 -6.30 14.28
C LYS A 480 -22.91 -6.26 13.10
N ILE A 481 -22.28 -7.39 12.76
CA ILE A 481 -21.44 -7.40 11.58
C ILE A 481 -22.28 -7.13 10.33
N ASP A 482 -23.46 -7.76 10.25
CA ASP A 482 -24.38 -7.48 9.15
C ASP A 482 -24.73 -6.00 9.09
N TYR A 483 -25.18 -5.45 10.22
CA TYR A 483 -25.54 -4.05 10.28
C TYR A 483 -24.40 -3.16 9.81
N TYR A 484 -23.19 -3.40 10.32
CA TYR A 484 -22.10 -2.46 10.01
C TYR A 484 -21.48 -2.70 8.65
N VAL A 485 -21.52 -3.92 8.12
CA VAL A 485 -21.09 -4.10 6.72
C VAL A 485 -21.98 -3.28 5.81
N ASN A 486 -23.28 -3.32 6.06
CA ASN A 486 -24.22 -2.49 5.33
C ASN A 486 -23.80 -1.03 5.34
N LEU A 487 -23.42 -0.51 6.52
CA LEU A 487 -23.06 0.90 6.59
C LEU A 487 -21.72 1.20 5.92
N VAL A 488 -20.71 0.34 6.14
CA VAL A 488 -19.42 0.62 5.52
C VAL A 488 -19.53 0.53 4.00
N VAL A 489 -20.45 -0.29 3.51
CA VAL A 489 -20.74 -0.33 2.07
C VAL A 489 -21.33 1.00 1.61
N LYS A 490 -22.31 1.51 2.36
CA LYS A 490 -22.92 2.77 1.97
C LYS A 490 -21.91 3.91 2.02
N GLY A 491 -21.03 3.90 3.01
CA GLY A 491 -20.04 4.96 3.11
C GLY A 491 -18.96 4.85 2.03
N SER A 492 -18.50 3.63 1.77
CA SER A 492 -17.51 3.43 0.72
C SER A 492 -18.06 3.85 -0.63
N ASN A 493 -19.34 3.54 -0.88
CA ASN A 493 -19.94 3.94 -2.14
C ASN A 493 -20.00 5.45 -2.29
N ILE A 494 -20.16 6.18 -1.18
CA ILE A 494 -20.14 7.64 -1.25
C ILE A 494 -18.76 8.13 -1.67
N VAL A 495 -17.72 7.58 -1.05
CA VAL A 495 -16.35 7.99 -1.40
C VAL A 495 -16.04 7.62 -2.85
N ASP A 496 -16.44 6.42 -3.25
CA ASP A 496 -16.39 5.99 -4.64
C ASP A 496 -16.99 7.05 -5.56
N LEU A 497 -18.20 7.52 -5.24
CA LEU A 497 -18.83 8.56 -6.06
C LEU A 497 -18.08 9.87 -5.98
N GLY A 498 -17.51 10.18 -4.81
CA GLY A 498 -16.75 11.41 -4.69
C GLY A 498 -15.60 11.48 -5.68
N HIS A 499 -14.89 10.37 -5.84
CA HIS A 499 -13.76 10.36 -6.78
C HIS A 499 -14.24 10.48 -8.21
N ARG A 500 -15.36 9.83 -8.52
CA ARG A 500 -15.95 9.92 -9.85
C ARG A 500 -16.38 11.36 -10.18
N HIS A 501 -16.97 12.08 -9.22
CA HIS A 501 -17.49 13.42 -9.50
C HIS A 501 -16.46 14.52 -9.34
N TYR A 502 -15.39 14.29 -8.58
CA TYR A 502 -14.36 15.31 -8.41
C TYR A 502 -13.03 14.99 -9.05
N ALA A 503 -12.73 13.71 -9.33
CA ALA A 503 -11.35 13.38 -9.67
C ALA A 503 -11.24 12.15 -10.56
N PRO A 504 -11.88 12.14 -11.72
CA PRO A 504 -11.56 11.10 -12.69
C PRO A 504 -10.08 11.19 -13.03
N THR A 505 -9.53 10.11 -13.57
CA THR A 505 -8.11 10.03 -13.90
C THR A 505 -7.99 9.56 -15.34
N PRO A 506 -8.23 10.45 -16.31
CA PRO A 506 -8.29 10.01 -17.72
C PRO A 506 -6.98 9.41 -18.22
N PHE A 507 -5.83 10.00 -17.89
CA PHE A 507 -4.58 9.42 -18.38
C PHE A 507 -4.42 7.97 -17.91
N LEU A 508 -4.39 7.77 -16.59
CA LEU A 508 -4.27 6.42 -16.06
C LEU A 508 -5.29 5.47 -16.70
N SER A 509 -6.54 5.94 -16.82
CA SER A 509 -7.59 5.07 -17.37
C SER A 509 -7.24 4.57 -18.76
N LEU A 510 -6.55 5.39 -19.56
CA LEU A 510 -6.10 4.91 -20.86
C LEU A 510 -5.34 3.61 -20.75
N LEU A 511 -4.62 3.42 -19.63
CA LEU A 511 -3.78 2.24 -19.44
C LEU A 511 -4.46 1.19 -18.58
N ILE A 512 -5.78 1.26 -18.45
CA ILE A 512 -6.58 0.28 -17.73
C ILE A 512 -7.58 -0.31 -18.72
N ALA A 513 -7.39 -1.57 -19.07
CA ALA A 513 -8.47 -2.29 -19.74
C ALA A 513 -9.67 -2.37 -18.82
N ASP A 514 -10.86 -2.10 -19.35
CA ASP A 514 -11.07 -1.85 -20.78
C ASP A 514 -11.60 -0.43 -21.04
N CYS A 515 -10.97 0.57 -20.42
CA CYS A 515 -11.51 1.94 -20.49
C CYS A 515 -11.57 2.45 -21.92
N LEU A 516 -10.52 2.22 -22.72
CA LEU A 516 -10.50 2.74 -24.09
C LEU A 516 -11.61 2.14 -24.95
N LYS A 517 -11.80 0.82 -24.88
CA LYS A 517 -12.88 0.21 -25.66
C LYS A 517 -14.25 0.64 -25.15
N ASN A 518 -14.41 0.79 -23.83
CA ASN A 518 -15.68 1.19 -23.24
C ASN A 518 -15.91 2.70 -23.30
N GLY A 519 -14.85 3.48 -23.48
CA GLY A 519 -15.01 4.92 -23.49
C GLY A 519 -15.27 5.54 -22.13
N LYS A 520 -14.91 4.85 -21.05
CA LYS A 520 -15.21 5.25 -19.68
C LYS A 520 -13.93 5.31 -18.85
N ASP A 521 -13.83 6.33 -18.01
CA ASP A 521 -12.83 6.39 -16.95
C ASP A 521 -12.96 5.20 -15.99
N VAL A 522 -11.89 4.92 -15.23
CA VAL A 522 -12.01 3.88 -14.19
C VAL A 522 -13.09 4.29 -13.19
N THR A 523 -13.19 5.58 -12.87
CA THR A 523 -14.14 6.04 -11.89
C THR A 523 -15.57 5.86 -12.36
N GLU A 524 -15.78 5.61 -13.64
CA GLU A 524 -17.10 5.30 -14.17
C GLU A 524 -17.29 3.82 -14.39
N GLY A 525 -16.36 2.99 -13.92
CA GLY A 525 -16.46 1.56 -14.09
C GLY A 525 -15.84 1.02 -15.36
N GLY A 526 -14.97 1.78 -16.03
CA GLY A 526 -14.41 1.31 -17.29
C GLY A 526 -13.47 0.12 -17.17
N ALA A 527 -12.91 -0.10 -15.99
CA ALA A 527 -11.96 -1.18 -15.83
C ALA A 527 -12.66 -2.52 -16.02
N ARG A 528 -11.89 -3.52 -16.49
CA ARG A 528 -12.48 -4.83 -16.70
C ARG A 528 -13.00 -5.43 -15.40
N TYR A 529 -12.30 -5.23 -14.29
CA TYR A 529 -12.70 -5.74 -12.99
C TYR A 529 -12.88 -4.57 -12.03
N ASN A 530 -14.01 -4.55 -11.34
CA ASN A 530 -14.31 -3.48 -10.40
C ASN A 530 -14.58 -4.09 -9.03
N PHE A 531 -13.81 -3.68 -8.04
CA PHE A 531 -14.01 -4.13 -6.69
C PHE A 531 -14.06 -2.92 -5.78
N SER A 532 -14.34 -3.19 -4.51
CA SER A 532 -14.14 -2.28 -3.41
C SER A 532 -13.68 -3.13 -2.23
N GLY A 533 -12.54 -2.77 -1.63
CA GLY A 533 -11.89 -3.64 -0.66
C GLY A 533 -11.96 -3.10 0.75
N VAL A 534 -12.57 -3.88 1.65
CA VAL A 534 -12.80 -3.45 3.02
C VAL A 534 -12.07 -4.41 3.95
N GLN A 535 -11.33 -3.87 4.91
CA GLN A 535 -10.37 -4.63 5.70
C GLN A 535 -10.98 -5.03 7.04
N GLY A 536 -11.07 -6.33 7.29
CA GLY A 536 -11.48 -6.78 8.60
C GLY A 536 -10.29 -6.84 9.52
N ILE A 537 -10.27 -6.01 10.56
CA ILE A 537 -9.12 -5.86 11.43
C ILE A 537 -9.46 -6.30 12.86
N GLY A 538 -8.52 -6.97 13.51
CA GLY A 538 -8.68 -7.37 14.89
C GLY A 538 -9.17 -8.79 15.14
N GLN A 539 -9.11 -9.69 14.16
CA GLN A 539 -9.73 -10.99 14.35
C GLN A 539 -8.96 -11.90 15.30
N ALA A 540 -7.64 -11.74 15.43
CA ALA A 540 -6.94 -12.52 16.45
C ALA A 540 -7.47 -12.18 17.83
N ASN A 541 -7.61 -10.87 18.13
CA ASN A 541 -8.20 -10.45 19.39
C ASN A 541 -9.65 -10.93 19.50
N LEU A 542 -10.39 -10.92 18.40
CA LEU A 542 -11.79 -11.32 18.48
C LEU A 542 -11.92 -12.78 18.92
N SER A 543 -11.17 -13.68 18.27
CA SER A 543 -11.29 -15.08 18.61
C SER A 543 -10.70 -15.37 19.99
N ASP A 544 -9.58 -14.71 20.32
CA ASP A 544 -9.01 -14.86 21.66
C ASP A 544 -10.02 -14.42 22.73
N SER A 545 -10.72 -13.31 22.50
CA SER A 545 -11.67 -12.80 23.49
C SER A 545 -12.85 -13.73 23.62
N MET A 546 -13.44 -14.15 22.50
CA MET A 546 -14.63 -14.99 22.55
C MET A 546 -14.34 -16.38 23.08
N TYR A 547 -13.09 -16.84 22.97
CA TYR A 547 -12.73 -18.11 23.56
C TYR A 547 -12.75 -18.02 25.09
N VAL A 548 -12.12 -16.97 25.62
CA VAL A 548 -12.20 -16.70 27.06
C VAL A 548 -13.66 -16.65 27.50
N VAL A 549 -14.46 -15.80 26.85
CA VAL A 549 -15.87 -15.67 27.21
C VAL A 549 -16.53 -17.04 27.24
N GLN A 550 -16.35 -17.80 26.17
CA GLN A 550 -16.97 -19.12 26.09
C GLN A 550 -16.53 -20.02 27.24
N LYS A 551 -15.24 -19.99 27.57
CA LYS A 551 -14.70 -20.89 28.59
C LYS A 551 -14.90 -20.31 29.98
N LEU A 552 -14.46 -19.07 30.19
CA LEU A 552 -14.47 -18.49 31.52
C LEU A 552 -15.90 -18.30 32.02
N VAL A 553 -16.79 -17.83 31.15
CA VAL A 553 -18.17 -17.53 31.55
C VAL A 553 -19.08 -18.74 31.43
N PHE A 554 -19.13 -19.39 30.26
CA PHE A 554 -20.25 -20.28 29.98
C PHE A 554 -19.95 -21.76 30.17
N GLU A 555 -18.70 -22.16 30.22
CA GLU A 555 -18.37 -23.56 30.46
C GLU A 555 -17.78 -23.80 31.85
N GLN A 556 -16.96 -22.88 32.34
CA GLN A 556 -16.35 -22.96 33.66
C GLN A 556 -17.13 -22.18 34.71
N HIS A 557 -17.99 -21.26 34.32
CA HIS A 557 -18.84 -20.52 35.26
C HIS A 557 -18.00 -19.82 36.34
N GLU A 558 -16.82 -19.33 35.95
CA GLU A 558 -15.99 -18.56 36.87
C GLU A 558 -16.63 -17.20 37.17
N MET A 559 -17.15 -16.54 36.15
CA MET A 559 -17.88 -15.29 36.28
C MET A 559 -19.13 -15.38 35.42
N THR A 560 -19.98 -14.37 35.58
CA THR A 560 -21.09 -14.09 34.68
C THR A 560 -20.63 -13.08 33.63
N LEU A 561 -21.39 -12.99 32.54
CA LEU A 561 -21.06 -12.00 31.53
C LEU A 561 -21.01 -10.61 32.16
N ALA A 562 -22.01 -10.30 32.99
CA ALA A 562 -22.09 -8.98 33.63
C ALA A 562 -20.86 -8.72 34.50
N GLU A 563 -20.44 -9.73 35.27
CA GLU A 563 -19.26 -9.56 36.12
C GLU A 563 -18.01 -9.37 35.27
N LEU A 564 -17.87 -10.17 34.21
CA LEU A 564 -16.74 -9.99 33.30
C LEU A 564 -16.73 -8.58 32.71
N VAL A 565 -17.88 -8.12 32.19
CA VAL A 565 -17.90 -6.80 31.59
C VAL A 565 -17.54 -5.74 32.62
N ASP A 566 -17.95 -5.94 33.87
CA ASP A 566 -17.51 -5.04 34.92
C ASP A 566 -16.00 -4.99 34.99
N ALA A 567 -15.33 -6.14 34.83
CA ALA A 567 -13.88 -6.16 34.87
C ALA A 567 -13.28 -5.42 33.68
N LEU A 568 -13.90 -5.57 32.49
CA LEU A 568 -13.43 -4.83 31.33
C LEU A 568 -13.61 -3.34 31.55
N GLU A 569 -14.81 -2.94 31.97
CA GLU A 569 -15.05 -1.53 32.24
C GLU A 569 -14.02 -0.98 33.23
N ALA A 570 -13.61 -1.80 34.21
CA ALA A 570 -12.61 -1.41 35.19
C ALA A 570 -11.20 -1.45 34.62
N ASN A 571 -11.03 -1.85 33.37
CA ASN A 571 -9.72 -1.94 32.72
C ASN A 571 -8.77 -2.81 33.54
N TYR A 572 -9.29 -3.94 34.03
CA TYR A 572 -8.47 -4.92 34.76
C TYR A 572 -7.70 -4.26 35.90
N GLU A 573 -8.24 -3.20 36.50
CA GLU A 573 -7.50 -2.56 37.57
C GLU A 573 -7.95 -3.07 38.94
N GLY A 574 -7.12 -2.83 39.93
CA GLY A 574 -7.51 -3.13 41.31
C GLY A 574 -7.74 -4.61 41.52
N LYS A 575 -8.94 -4.98 41.94
CA LYS A 575 -9.22 -6.37 42.27
C LYS A 575 -9.20 -7.28 41.04
N TYR A 576 -8.94 -6.74 39.84
CA TYR A 576 -8.99 -7.52 38.62
C TYR A 576 -7.62 -7.81 38.03
N VAL A 577 -6.55 -7.30 38.66
CA VAL A 577 -5.21 -7.45 38.09
C VAL A 577 -4.91 -8.92 37.85
N ASN A 578 -5.38 -9.80 38.73
CA ASN A 578 -5.10 -11.22 38.58
C ASN A 578 -5.99 -11.84 37.53
N LEU A 579 -7.21 -11.34 37.37
CA LEU A 579 -8.06 -11.83 36.30
C LEU A 579 -7.40 -11.62 34.94
N GLN A 580 -6.72 -10.47 34.77
CA GLN A 580 -6.05 -10.22 33.48
C GLN A 580 -5.03 -11.31 33.18
N LYS A 581 -4.10 -11.56 34.11
CA LYS A 581 -3.13 -12.62 33.92
C LYS A 581 -3.80 -13.95 33.65
N HIS A 582 -4.98 -14.17 34.22
CA HIS A 582 -5.67 -15.45 34.05
C HIS A 582 -6.18 -15.61 32.61
N VAL A 583 -6.86 -14.58 32.07
CA VAL A 583 -7.42 -14.69 30.72
C VAL A 583 -6.32 -14.76 29.67
N ILE A 584 -5.20 -14.07 29.89
CA ILE A 584 -4.07 -14.15 28.98
C ILE A 584 -3.42 -15.53 29.01
N GLN A 585 -3.04 -15.99 30.20
CA GLN A 585 -2.16 -17.15 30.32
C GLN A 585 -2.89 -18.49 30.40
N ASP A 586 -4.12 -18.52 30.89
CA ASP A 586 -4.77 -19.80 31.17
C ASP A 586 -5.79 -20.22 30.11
N PHE A 587 -5.81 -19.54 28.97
CA PHE A 587 -6.70 -19.91 27.88
C PHE A 587 -5.94 -19.88 26.56
N ASP A 588 -6.10 -20.95 25.78
CA ASP A 588 -5.51 -21.04 24.44
C ASP A 588 -5.72 -19.75 23.64
N LYS A 589 -4.66 -19.31 22.97
CA LYS A 589 -4.72 -18.16 22.11
C LYS A 589 -4.53 -18.58 20.65
N TYR A 590 -5.11 -17.77 19.76
CA TYR A 590 -4.93 -17.93 18.33
C TYR A 590 -3.45 -17.78 17.95
N GLY A 591 -3.00 -18.61 17.02
CA GLY A 591 -1.61 -18.64 16.63
C GLY A 591 -0.81 -19.76 17.26
N ASN A 592 -1.48 -20.74 17.89
CA ASN A 592 -0.81 -21.86 18.55
C ASN A 592 -1.33 -23.20 18.05
N ASP A 593 -2.06 -23.21 16.94
CA ASP A 593 -2.59 -24.44 16.34
C ASP A 593 -3.55 -25.17 17.28
N ASN A 594 -4.35 -24.40 18.03
CA ASN A 594 -5.43 -24.95 18.84
C ASN A 594 -6.72 -24.75 18.06
N ASP A 595 -7.34 -25.85 17.62
CA ASP A 595 -8.53 -25.75 16.78
C ASP A 595 -9.64 -24.95 17.44
N ASP A 596 -9.75 -25.01 18.78
CA ASP A 596 -10.91 -24.42 19.44
C ASP A 596 -10.88 -22.89 19.33
N VAL A 597 -9.74 -22.27 19.62
CA VAL A 597 -9.65 -20.84 19.38
C VAL A 597 -9.68 -20.55 17.89
N ASP A 598 -8.84 -21.26 17.12
CA ASP A 598 -8.66 -20.92 15.72
C ASP A 598 -9.99 -20.91 14.99
N ASP A 599 -10.85 -21.89 15.29
CA ASP A 599 -12.11 -22.01 14.56
C ASP A 599 -13.03 -20.83 14.80
N ILE A 600 -12.87 -20.12 15.92
CA ILE A 600 -13.67 -18.92 16.11
C ILE A 600 -13.28 -17.88 15.06
N ALA A 601 -11.97 -17.70 14.84
CA ALA A 601 -11.49 -16.81 13.79
C ALA A 601 -11.99 -17.25 12.41
N VAL A 602 -11.83 -18.53 12.10
CA VAL A 602 -12.35 -19.09 10.85
C VAL A 602 -13.81 -18.69 10.65
N LYS A 603 -14.65 -18.97 11.64
CA LYS A 603 -16.09 -18.83 11.40
C LYS A 603 -16.49 -17.36 11.35
N LEU A 604 -15.90 -16.52 12.19
CA LEU A 604 -16.37 -15.14 12.24
C LEU A 604 -15.89 -14.33 11.05
N PHE A 605 -14.65 -14.55 10.61
CA PHE A 605 -14.20 -13.86 9.41
C PHE A 605 -14.95 -14.36 8.18
N ARG A 606 -15.22 -15.66 8.13
CA ARG A 606 -16.05 -16.18 7.06
C ARG A 606 -17.40 -15.48 7.03
N HIS A 607 -17.98 -15.21 8.20
CA HIS A 607 -19.25 -14.50 8.21
C HIS A 607 -19.08 -13.07 7.71
N TYR A 608 -17.96 -12.43 8.05
CA TYR A 608 -17.69 -11.08 7.55
C TYR A 608 -17.51 -11.09 6.04
N ALA A 609 -16.67 -12.00 5.54
CA ALA A 609 -16.46 -12.11 4.10
C ALA A 609 -17.78 -12.34 3.36
N LYS A 610 -18.57 -13.28 3.85
CA LYS A 610 -19.76 -13.68 3.12
C LYS A 610 -20.82 -12.60 3.17
N GLU A 611 -20.74 -11.72 4.16
CA GLU A 611 -21.63 -10.56 4.19
C GLU A 611 -21.21 -9.51 3.17
N LEU A 612 -19.90 -9.26 3.07
CA LEU A 612 -19.42 -8.23 2.14
C LEU A 612 -19.74 -8.60 0.70
N GLU A 613 -19.73 -9.90 0.37
CA GLU A 613 -19.93 -10.27 -1.03
C GLU A 613 -21.40 -10.24 -1.44
N LYS A 614 -22.31 -9.91 -0.52
CA LYS A 614 -23.68 -9.65 -0.94
C LYS A 614 -23.86 -8.29 -1.57
N TYR A 615 -22.88 -7.39 -1.46
CA TYR A 615 -23.07 -5.99 -1.81
C TYR A 615 -22.35 -5.59 -3.10
N GLU A 616 -23.03 -4.79 -3.90
CA GLU A 616 -22.47 -4.17 -5.10
C GLU A 616 -21.88 -2.81 -4.77
N ASN A 617 -20.83 -2.43 -5.50
CA ASN A 617 -20.43 -1.04 -5.50
C ASN A 617 -21.13 -0.31 -6.65
N VAL A 618 -20.92 1.01 -6.70
CA VAL A 618 -21.61 1.88 -7.64
C VAL A 618 -21.09 1.73 -9.07
N ARG A 619 -20.12 0.85 -9.28
CA ARG A 619 -19.60 0.54 -10.60
C ARG A 619 -20.07 -0.82 -11.12
N GLY A 620 -21.09 -1.40 -10.48
CA GLY A 620 -21.52 -2.73 -10.85
C GLY A 620 -20.57 -3.84 -10.45
N GLY A 621 -19.55 -3.55 -9.66
CA GLY A 621 -18.65 -4.56 -9.15
C GLY A 621 -19.07 -5.04 -7.77
N ARG A 622 -18.23 -5.89 -7.20
CA ARG A 622 -18.49 -6.51 -5.92
C ARG A 622 -17.57 -5.96 -4.85
N PHE A 623 -18.10 -5.78 -3.64
CA PHE A 623 -17.22 -5.63 -2.50
C PHE A 623 -16.47 -6.94 -2.27
N ILE A 624 -15.25 -6.81 -1.77
CA ILE A 624 -14.41 -7.96 -1.42
C ILE A 624 -13.71 -7.68 -0.12
N PRO A 625 -13.50 -8.72 0.70
CA PRO A 625 -12.79 -8.52 1.97
C PRO A 625 -11.29 -8.62 1.83
N GLY A 626 -10.60 -7.83 2.66
CA GLY A 626 -9.21 -8.04 2.95
C GLY A 626 -9.05 -8.27 4.44
N ALA A 627 -7.84 -8.69 4.85
CA ALA A 627 -7.47 -8.78 6.27
C ALA A 627 -6.05 -8.21 6.43
N TYR A 628 -5.94 -6.88 6.45
CA TYR A 628 -4.66 -6.23 6.67
C TYR A 628 -4.92 -4.91 7.37
N THR A 629 -3.85 -4.38 7.98
CA THR A 629 -3.97 -3.26 8.92
C THR A 629 -3.19 -2.02 8.52
N VAL A 630 -2.17 -2.12 7.69
CA VAL A 630 -1.14 -1.08 7.63
C VAL A 630 -0.75 -0.81 9.09
N SER A 631 -0.67 0.45 9.51
CA SER A 631 -0.39 0.71 10.92
C SER A 631 -1.65 0.99 11.71
N ALA A 632 -2.83 0.73 11.13
CA ALA A 632 -4.08 1.10 11.79
C ALA A 632 -4.38 0.26 13.02
N HIS A 633 -3.68 -0.85 13.25
CA HIS A 633 -3.96 -1.61 14.47
C HIS A 633 -3.64 -0.78 15.71
N ILE A 634 -2.88 0.29 15.57
CA ILE A 634 -2.64 1.21 16.68
C ILE A 634 -3.88 2.06 16.93
N PRO A 635 -4.32 2.88 15.97
CA PRO A 635 -5.52 3.70 16.24
C PRO A 635 -6.77 2.87 16.46
N LEU A 636 -6.94 1.77 15.73
CA LEU A 636 -8.12 0.95 15.97
C LEU A 636 -8.06 0.29 17.34
N GLY A 637 -6.86 -0.04 17.81
CA GLY A 637 -6.73 -0.52 19.17
C GLY A 637 -7.08 0.55 20.19
N GLU A 638 -6.64 1.79 19.94
CA GLU A 638 -6.94 2.89 20.83
C GLU A 638 -8.44 3.13 21.01
N ALA A 639 -9.26 2.67 20.06
CA ALA A 639 -10.69 2.89 20.14
C ALA A 639 -11.42 1.81 20.92
N VAL A 640 -10.72 0.77 21.37
CA VAL A 640 -11.35 -0.35 22.08
C VAL A 640 -10.84 -0.39 23.51
N GLY A 641 -11.76 -0.50 24.46
CA GLY A 641 -11.39 -0.71 25.84
C GLY A 641 -10.89 -2.12 26.07
N ALA A 642 -10.68 -2.44 27.35
CA ALA A 642 -10.20 -3.76 27.71
C ALA A 642 -11.12 -4.84 27.15
N THR A 643 -10.55 -5.95 26.71
CA THR A 643 -11.34 -7.03 26.16
C THR A 643 -10.97 -8.35 26.82
N PRO A 644 -11.86 -9.35 26.74
CA PRO A 644 -11.63 -10.60 27.49
C PRO A 644 -10.32 -11.31 27.16
N ASP A 645 -9.65 -10.95 26.05
CA ASP A 645 -8.39 -11.60 25.71
C ASP A 645 -7.22 -11.09 26.52
N GLY A 646 -7.42 -10.06 27.35
CA GLY A 646 -6.37 -9.52 28.18
C GLY A 646 -5.84 -8.19 27.72
N ARG A 647 -6.31 -7.68 26.59
CA ARG A 647 -6.01 -6.32 26.21
C ARG A 647 -6.46 -5.37 27.31
N LYS A 648 -5.57 -4.48 27.71
CA LYS A 648 -6.03 -3.31 28.43
C LYS A 648 -6.66 -2.33 27.45
N ALA A 649 -7.39 -1.37 28.01
CA ALA A 649 -8.01 -0.35 27.19
C ALA A 649 -6.96 0.37 26.35
N LYS A 650 -7.31 0.67 25.10
CA LYS A 650 -6.49 1.41 24.15
C LYS A 650 -5.29 0.60 23.65
N GLU A 651 -5.14 -0.65 24.07
CA GLU A 651 -4.03 -1.47 23.62
C GLU A 651 -4.20 -1.86 22.15
N GLN A 652 -3.07 -2.09 21.49
CA GLN A 652 -3.08 -2.38 20.07
C GLN A 652 -3.92 -3.61 19.77
N LEU A 653 -4.49 -3.64 18.58
CA LEU A 653 -4.99 -4.88 18.02
C LEU A 653 -3.81 -5.68 17.47
N ALA A 654 -4.06 -6.96 17.21
CA ALA A 654 -3.06 -7.77 16.53
C ALA A 654 -2.59 -7.08 15.25
N ASP A 655 -1.27 -7.08 15.04
CA ASP A 655 -0.70 -6.39 13.88
C ASP A 655 -1.08 -7.10 12.59
N GLY A 656 -0.83 -6.40 11.47
CA GLY A 656 -0.79 -7.06 10.17
C GLY A 656 -2.12 -7.44 9.58
N GLY A 657 -2.91 -8.25 10.30
CA GLY A 657 -4.18 -8.72 9.80
C GLY A 657 -4.52 -10.14 10.24
N LEU A 658 -3.69 -11.09 9.84
CA LEU A 658 -3.83 -12.48 10.24
C LEU A 658 -2.82 -12.87 11.32
N SER A 659 -1.99 -11.93 11.76
CA SER A 659 -0.97 -12.23 12.75
C SER A 659 -1.62 -12.53 14.09
N PRO A 660 -1.02 -13.41 14.89
CA PRO A 660 -1.45 -13.52 16.29
C PRO A 660 -1.20 -12.22 17.03
N MET A 661 -1.96 -12.02 18.10
CA MET A 661 -1.71 -10.88 18.98
C MET A 661 -0.31 -10.99 19.58
N VAL A 662 0.39 -9.85 19.65
CA VAL A 662 1.78 -9.82 20.08
C VAL A 662 1.97 -10.65 21.35
N GLY A 663 2.91 -11.60 21.29
CA GLY A 663 3.28 -12.39 22.46
C GLY A 663 2.41 -13.60 22.72
N ARG A 664 1.33 -13.78 21.98
CA ARG A 664 0.40 -14.88 22.23
C ARG A 664 0.82 -16.20 21.56
N ASP A 665 1.73 -16.16 20.59
CA ASP A 665 2.16 -17.38 19.89
C ASP A 665 3.36 -17.96 20.63
N HIS A 666 3.13 -19.07 21.32
CA HIS A 666 4.13 -19.69 22.17
C HIS A 666 4.72 -20.97 21.59
N LEU A 667 4.23 -21.45 20.45
CA LEU A 667 4.63 -22.76 19.95
C LEU A 667 5.44 -22.68 18.66
N GLY A 668 6.12 -21.55 18.42
CA GLY A 668 6.98 -21.44 17.27
C GLY A 668 6.24 -21.03 16.01
N PRO A 669 7.01 -20.69 14.96
CA PRO A 669 6.41 -20.09 13.76
C PRO A 669 5.57 -21.06 12.93
N THR A 670 5.83 -22.37 13.00
CA THR A 670 5.07 -23.31 12.19
C THR A 670 3.68 -23.54 12.76
N ALA A 671 3.54 -23.45 14.08
CA ALA A 671 2.20 -23.48 14.66
C ALA A 671 1.42 -22.23 14.27
N VAL A 672 2.10 -21.10 14.03
CA VAL A 672 1.40 -19.93 13.51
C VAL A 672 0.84 -20.24 12.12
N LEU A 673 1.71 -20.71 11.22
CA LEU A 673 1.27 -21.08 9.88
C LEU A 673 0.06 -22.00 9.95
N LYS A 674 0.07 -22.96 10.89
CA LYS A 674 -1.03 -23.92 10.93
C LYS A 674 -2.31 -23.26 11.40
N SER A 675 -2.23 -22.36 12.38
CA SER A 675 -3.42 -21.59 12.73
C SER A 675 -3.94 -20.84 11.53
N VAL A 676 -3.06 -20.07 10.87
CA VAL A 676 -3.47 -19.19 9.79
C VAL A 676 -4.05 -19.99 8.63
N SER A 677 -3.58 -21.22 8.43
CA SER A 677 -4.03 -22.02 7.31
C SER A 677 -5.44 -22.55 7.49
N LYS A 678 -5.98 -22.49 8.71
CA LYS A 678 -7.36 -22.90 8.92
C LYS A 678 -8.35 -21.84 8.42
N LEU A 679 -7.93 -20.57 8.33
CA LEU A 679 -8.80 -19.56 7.77
C LEU A 679 -9.14 -19.94 6.33
N ASP A 680 -10.31 -19.48 5.87
CA ASP A 680 -10.64 -19.68 4.45
C ASP A 680 -9.97 -18.54 3.69
N ASN A 681 -8.68 -18.73 3.40
CA ASN A 681 -7.88 -17.67 2.81
C ASN A 681 -8.24 -17.40 1.36
N TYR A 682 -9.07 -18.24 0.74
CA TYR A 682 -9.57 -17.92 -0.58
C TYR A 682 -10.56 -16.76 -0.57
N LEU A 683 -11.04 -16.36 0.61
CA LEU A 683 -12.06 -15.31 0.67
C LEU A 683 -11.46 -13.91 0.60
N THR A 684 -10.23 -13.71 1.08
CA THR A 684 -9.63 -12.37 1.11
C THR A 684 -9.02 -12.01 -0.24
N VAL A 685 -9.90 -11.96 -1.25
CA VAL A 685 -9.47 -11.58 -2.59
C VAL A 685 -8.80 -10.21 -2.57
N ASN A 686 -9.14 -9.35 -1.60
CA ASN A 686 -8.51 -8.03 -1.47
C ASN A 686 -7.17 -8.09 -0.75
N GLY A 687 -6.78 -9.24 -0.27
CA GLY A 687 -5.47 -9.34 0.33
C GLY A 687 -5.55 -9.58 1.82
N SER A 688 -4.61 -10.35 2.32
CA SER A 688 -4.48 -10.58 3.75
C SER A 688 -3.00 -10.52 4.04
N LEU A 689 -2.66 -10.54 5.32
CA LEU A 689 -1.32 -10.12 5.72
C LEU A 689 -0.91 -10.89 6.96
N LEU A 690 0.23 -11.57 6.87
CA LEU A 690 0.83 -12.30 7.98
C LEU A 690 2.24 -11.76 8.22
N ASN A 691 2.47 -11.22 9.41
CA ASN A 691 3.79 -10.78 9.85
C ASN A 691 4.42 -11.88 10.68
N VAL A 692 5.62 -12.33 10.30
CA VAL A 692 6.47 -13.13 11.17
C VAL A 692 7.80 -12.39 11.36
N LYS A 693 8.40 -12.58 12.53
CA LYS A 693 9.69 -11.96 12.87
C LYS A 693 10.66 -13.05 13.26
N PHE A 694 11.84 -13.06 12.62
CA PHE A 694 12.87 -14.04 12.91
C PHE A 694 14.05 -13.42 13.64
N GLN A 695 14.53 -14.14 14.65
CA GLN A 695 15.80 -13.82 15.26
C GLN A 695 16.88 -13.88 14.19
N PRO A 696 17.71 -12.84 14.02
CA PRO A 696 18.65 -12.85 12.90
C PRO A 696 19.57 -14.05 12.89
N ASN A 697 20.06 -14.47 14.06
CA ASN A 697 20.97 -15.60 14.11
C ASN A 697 20.34 -16.86 13.52
N THR A 698 19.01 -16.99 13.58
CA THR A 698 18.41 -18.24 13.15
C THR A 698 18.46 -18.43 11.63
N LEU A 699 18.69 -17.36 10.86
CA LEU A 699 18.75 -17.46 9.41
C LEU A 699 20.18 -17.48 8.86
N LYS A 700 21.19 -17.42 9.71
CA LYS A 700 22.54 -17.24 9.17
C LYS A 700 23.02 -18.50 8.43
N GLY A 701 23.95 -18.29 7.50
CA GLY A 701 24.59 -19.39 6.79
C GLY A 701 23.69 -20.07 5.76
N ILE A 702 24.31 -21.01 5.03
CA ILE A 702 23.57 -21.88 4.11
C ILE A 702 22.48 -22.64 4.83
N GLU A 703 22.74 -23.06 6.06
CA GLU A 703 21.73 -23.77 6.84
C GLU A 703 20.50 -22.91 7.07
N GLY A 704 20.70 -21.63 7.41
CA GLY A 704 19.56 -20.76 7.67
C GLY A 704 18.72 -20.54 6.43
N LEU A 705 19.36 -20.33 5.29
CA LEU A 705 18.63 -20.18 4.03
C LEU A 705 17.84 -21.44 3.69
N THR A 706 18.40 -22.61 3.95
CA THR A 706 17.69 -23.86 3.67
C THR A 706 16.48 -24.01 4.58
N LYS A 707 16.65 -23.79 5.90
CA LYS A 707 15.50 -23.81 6.80
C LYS A 707 14.47 -22.78 6.35
N PHE A 708 14.94 -21.58 5.98
CA PHE A 708 14.05 -20.51 5.54
C PHE A 708 13.27 -20.94 4.29
N ALA A 709 13.97 -21.48 3.29
CA ALA A 709 13.29 -21.94 2.07
C ALA A 709 12.26 -23.02 2.38
N ASP A 710 12.61 -23.99 3.23
CA ASP A 710 11.66 -25.05 3.57
C ASP A 710 10.43 -24.46 4.24
N PHE A 711 10.64 -23.46 5.10
CA PHE A 711 9.52 -22.78 5.75
C PHE A 711 8.60 -22.12 4.72
N LEU A 712 9.18 -21.46 3.72
CA LEU A 712 8.34 -20.82 2.70
C LEU A 712 7.59 -21.85 1.85
N MET A 713 8.18 -23.03 1.63
CA MET A 713 7.43 -24.07 0.91
C MET A 713 6.30 -24.63 1.77
N ALA A 714 6.48 -24.69 3.10
CA ALA A 714 5.38 -25.09 3.96
C ALA A 714 4.29 -24.03 3.96
N TYR A 715 4.68 -22.76 4.04
CA TYR A 715 3.72 -21.68 3.89
C TYR A 715 2.93 -21.82 2.58
N THR A 716 3.62 -22.16 1.49
CA THR A 716 2.95 -22.26 0.20
C THR A 716 1.91 -23.37 0.20
N LYS A 717 2.32 -24.58 0.61
CA LYS A 717 1.39 -25.71 0.58
C LYS A 717 0.20 -25.47 1.48
N LEU A 718 0.38 -24.74 2.59
CA LEU A 718 -0.71 -24.48 3.51
C LEU A 718 -1.69 -23.45 2.98
N LYS A 719 -1.43 -22.88 1.79
CA LYS A 719 -2.36 -21.99 1.12
C LYS A 719 -2.64 -20.74 1.93
N ILE A 720 -1.60 -20.26 2.65
CA ILE A 720 -1.61 -18.94 3.26
C ILE A 720 -1.33 -17.89 2.18
N GLN A 721 -2.07 -16.79 2.21
CA GLN A 721 -2.04 -15.86 1.09
C GLN A 721 -0.75 -15.05 1.03
N HIS A 722 -0.29 -14.56 2.16
CA HIS A 722 0.84 -13.64 2.20
C HIS A 722 1.64 -13.92 3.47
N ILE A 723 2.94 -13.66 3.39
CA ILE A 723 3.78 -13.67 4.58
C ILE A 723 4.94 -12.73 4.31
N GLN A 724 5.48 -12.14 5.37
CA GLN A 724 6.63 -11.25 5.26
C GLN A 724 7.33 -11.24 6.61
N PHE A 725 8.59 -10.81 6.60
CA PHE A 725 9.45 -11.07 7.76
C PHE A 725 10.24 -9.86 8.20
N ASN A 726 10.21 -9.61 9.52
CA ASN A 726 11.23 -8.80 10.17
C ASN A 726 12.37 -9.71 10.61
N VAL A 727 13.60 -9.27 10.39
CA VAL A 727 14.79 -9.98 10.88
C VAL A 727 15.63 -8.96 11.63
N GLN A 728 15.32 -8.77 12.91
CA GLN A 728 16.06 -7.87 13.77
C GLN A 728 15.91 -8.39 15.19
N SER A 729 16.96 -8.20 15.99
CA SER A 729 16.91 -8.65 17.38
C SER A 729 16.24 -7.61 18.26
N LYS A 730 15.70 -8.08 19.39
CA LYS A 730 15.16 -7.14 20.36
C LYS A 730 16.20 -6.11 20.75
N ALA A 731 17.43 -6.54 21.00
CA ALA A 731 18.47 -5.62 21.42
C ALA A 731 18.65 -4.49 20.40
N THR A 732 18.76 -4.83 19.12
CA THR A 732 18.89 -3.79 18.10
C THR A 732 17.72 -2.81 18.14
N LEU A 733 16.50 -3.33 18.27
CA LEU A 733 15.34 -2.44 18.23
C LEU A 733 15.26 -1.59 19.49
N LEU A 734 15.57 -2.16 20.65
CA LEU A 734 15.65 -1.35 21.86
C LEU A 734 16.76 -0.30 21.74
N ASP A 735 17.92 -0.70 21.22
CA ASP A 735 18.98 0.28 21.02
C ASP A 735 18.53 1.39 20.09
N ALA A 736 17.79 1.05 19.03
CA ALA A 736 17.35 2.06 18.07
C ALA A 736 16.36 3.04 18.71
N GLN A 737 15.59 2.59 19.70
CA GLN A 737 14.76 3.53 20.44
C GLN A 737 15.61 4.47 21.29
N LYS A 738 16.65 3.94 21.96
CA LYS A 738 17.44 4.73 22.89
C LYS A 738 18.45 5.62 22.17
N HIS A 739 18.96 5.21 21.01
CA HIS A 739 19.94 5.99 20.27
C HIS A 739 19.54 6.04 18.80
N PRO A 740 18.46 6.74 18.48
CA PRO A 740 18.01 6.79 17.09
C PRO A 740 19.09 7.21 16.12
N GLU A 741 20.07 8.01 16.55
CA GLU A 741 21.07 8.53 15.62
C GLU A 741 21.97 7.43 15.05
N LYS A 742 22.09 6.30 15.73
CA LYS A 742 22.88 5.19 15.21
C LYS A 742 22.11 4.37 14.18
N TYR A 743 20.80 4.55 14.07
CA TYR A 743 19.93 3.66 13.31
C TYR A 743 19.07 4.43 12.31
N THR A 744 19.59 5.53 11.75
CA THR A 744 18.81 6.27 10.77
C THR A 744 18.63 5.48 9.48
N GLY A 745 19.43 4.42 9.27
CA GLY A 745 19.27 3.57 8.11
C GLY A 745 18.43 2.33 8.32
N LEU A 746 17.91 2.14 9.53
CA LEU A 746 17.28 0.89 9.92
C LEU A 746 15.86 0.80 9.38
N LEU A 747 15.62 -0.18 8.50
CA LEU A 747 14.29 -0.44 7.98
C LEU A 747 13.63 -1.55 8.78
N VAL A 748 12.34 -1.38 9.05
CA VAL A 748 11.56 -2.42 9.70
C VAL A 748 10.28 -2.62 8.89
N ARG A 749 9.75 -3.85 8.93
CA ARG A 749 8.48 -4.15 8.25
C ARG A 749 7.32 -3.87 9.21
N VAL A 750 6.41 -2.98 8.81
CA VAL A 750 5.22 -2.68 9.60
C VAL A 750 4.11 -3.66 9.22
N ALA A 751 3.57 -3.49 8.01
CA ALA A 751 2.50 -4.36 7.53
C ALA A 751 2.28 -4.15 6.04
N GLY A 752 2.96 -4.94 5.22
CA GLY A 752 2.87 -4.75 3.79
C GLY A 752 3.74 -3.63 3.27
N TYR A 753 4.59 -3.07 4.10
CA TYR A 753 5.54 -2.07 3.67
C TYR A 753 6.65 -1.98 4.71
N SER A 754 7.79 -1.44 4.27
CA SER A 754 8.92 -1.16 5.14
C SER A 754 9.02 0.34 5.40
N ALA A 755 9.51 0.69 6.59
CA ALA A 755 9.67 2.08 6.97
C ALA A 755 10.91 2.22 7.84
N PHE A 756 11.43 3.45 7.94
CA PHE A 756 12.56 3.72 8.82
C PHE A 756 12.11 3.66 10.27
N PHE A 757 12.74 2.78 11.05
CA PHE A 757 12.29 2.54 12.42
C PHE A 757 12.25 3.85 13.22
N VAL A 758 13.29 4.67 13.11
CA VAL A 758 13.38 5.85 13.95
C VAL A 758 12.30 6.88 13.61
N ASP A 759 11.71 6.81 12.40
CA ASP A 759 10.63 7.71 12.02
C ASP A 759 9.25 7.20 12.40
N LEU A 760 9.15 6.00 12.96
CA LEU A 760 7.87 5.43 13.40
C LEU A 760 7.59 5.88 14.83
N ASN A 761 6.35 6.27 15.10
CA ASN A 761 5.98 6.66 16.44
C ASN A 761 6.21 5.47 17.39
N LYS A 762 6.39 5.78 18.68
CA LYS A 762 6.80 4.74 19.63
C LYS A 762 5.78 3.61 19.73
N GLN A 763 4.50 3.90 19.49
CA GLN A 763 3.51 2.83 19.60
C GLN A 763 3.72 1.77 18.53
N ILE A 764 4.12 2.18 17.33
CA ILE A 764 4.44 1.23 16.27
C ILE A 764 5.75 0.52 16.58
N GLN A 765 6.79 1.28 16.92
CA GLN A 765 8.03 0.67 17.38
C GLN A 765 7.77 -0.40 18.43
N ASP A 766 6.91 -0.10 19.42
CA ASP A 766 6.65 -1.05 20.51
C ASP A 766 5.86 -2.26 20.05
N ASP A 767 4.95 -2.11 19.09
CA ASP A 767 4.30 -3.25 18.46
C ASP A 767 5.34 -4.18 17.84
N ILE A 768 6.19 -3.61 16.98
CA ILE A 768 7.20 -4.41 16.29
C ILE A 768 8.11 -5.09 17.29
N ILE A 769 8.44 -4.41 18.38
CA ILE A 769 9.29 -5.02 19.40
C ILE A 769 8.59 -6.18 20.09
N ALA A 770 7.30 -6.04 20.36
CA ALA A 770 6.60 -7.06 21.14
C ALA A 770 6.20 -8.27 20.30
N ARG A 771 6.25 -8.18 18.97
CA ARG A 771 6.05 -9.36 18.16
C ARG A 771 7.09 -10.41 18.55
N VAL A 772 6.66 -11.67 18.57
CA VAL A 772 7.55 -12.74 19.02
C VAL A 772 8.70 -12.88 18.04
N GLU A 773 9.91 -12.97 18.58
CA GLU A 773 11.10 -13.22 17.79
C GLU A 773 11.24 -14.74 17.64
N HIS A 774 10.94 -15.25 16.45
CA HIS A 774 10.91 -16.69 16.24
C HIS A 774 12.26 -17.25 15.82
N GLN A 775 12.42 -18.55 16.02
CA GLN A 775 13.52 -19.32 15.49
C GLN A 775 13.00 -20.38 14.55
N LEU A 776 13.87 -20.86 13.67
CA LEU A 776 13.51 -21.90 12.72
C LEU A 776 14.06 -23.24 13.16
#